data_8DDF
# 
_entry.id   8DDF 
# 
_audit_conform.dict_name       mmcif_pdbx.dic 
_audit_conform.dict_version    5.398 
_audit_conform.dict_location   http://mmcif.pdb.org/dictionaries/ascii/mmcif_pdbx.dic 
# 
loop_
_database_2.database_id 
_database_2.database_code 
_database_2.pdbx_database_accession 
_database_2.pdbx_DOI 
PDB   8DDF         pdb_00008ddf 10.2210/pdb8ddf/pdb 
WWPDB D_1000266471 ?            ?                   
# 
loop_
_pdbx_audit_revision_history.ordinal 
_pdbx_audit_revision_history.data_content_type 
_pdbx_audit_revision_history.major_revision 
_pdbx_audit_revision_history.minor_revision 
_pdbx_audit_revision_history.revision_date 
1 'Structure model' 1 0 2022-09-28 
2 'Structure model' 1 1 2024-11-13 
# 
_pdbx_audit_revision_details.ordinal             1 
_pdbx_audit_revision_details.revision_ordinal    1 
_pdbx_audit_revision_details.data_content_type   'Structure model' 
_pdbx_audit_revision_details.provider            repository 
_pdbx_audit_revision_details.type                'Initial release' 
_pdbx_audit_revision_details.description         ? 
_pdbx_audit_revision_details.details             ? 
# 
loop_
_pdbx_audit_revision_group.ordinal 
_pdbx_audit_revision_group.revision_ordinal 
_pdbx_audit_revision_group.data_content_type 
_pdbx_audit_revision_group.group 
1 2 'Structure model' 'Data collection'   
2 2 'Structure model' 'Structure summary' 
# 
loop_
_pdbx_audit_revision_category.ordinal 
_pdbx_audit_revision_category.revision_ordinal 
_pdbx_audit_revision_category.data_content_type 
_pdbx_audit_revision_category.category 
1 2 'Structure model' chem_comp_atom     
2 2 'Structure model' chem_comp_bond     
3 2 'Structure model' pdbx_entry_details 
# 
_pdbx_audit_revision_item.ordinal             1 
_pdbx_audit_revision_item.revision_ordinal    2 
_pdbx_audit_revision_item.data_content_type   'Structure model' 
_pdbx_audit_revision_item.item                '_pdbx_entry_details.has_protein_modification' 
# 
_pdbx_database_status.status_code                     REL 
_pdbx_database_status.status_code_sf                  REL 
_pdbx_database_status.status_code_mr                  ? 
_pdbx_database_status.entry_id                        8DDF 
_pdbx_database_status.recvd_initial_deposition_date   2022-06-18 
_pdbx_database_status.SG_entry                        N 
_pdbx_database_status.deposit_site                    RCSB 
_pdbx_database_status.process_site                    RCSB 
_pdbx_database_status.status_code_cs                  ? 
_pdbx_database_status.status_code_nmr_data            ? 
_pdbx_database_status.methods_development_category    ? 
_pdbx_database_status.pdb_format_compatible           Y 
# 
_pdbx_database_related.db_name        PDB 
_pdbx_database_related.details        . 
_pdbx_database_related.db_id          8DDH 
_pdbx_database_related.content_type   unspecified 
# 
_pdbx_contact_author.id                 2 
_pdbx_contact_author.email              jraskato@ucsc.edu 
_pdbx_contact_author.name_first         Jevgenij 
_pdbx_contact_author.name_last          Raskatov 
_pdbx_contact_author.name_mi            A 
_pdbx_contact_author.role               'principal investigator/group leader' 
_pdbx_contact_author.identifier_ORCID   0000-0002-0082-9113 
# 
loop_
_audit_author.name 
_audit_author.pdbx_ordinal 
_audit_author.identifier_ORCID 
'Sawaya, M.R.'    1 0000-0003-0874-9043 
'Hazari, A.'      2 ?                   
'Eisenberg, D.E.' 3 0000-0003-2432-5419 
# 
_citation.abstract                  ? 
_citation.abstract_id_CAS           ? 
_citation.book_id_ISBN              ? 
_citation.book_publisher            ? 
_citation.book_publisher_city       ? 
_citation.book_title                ? 
_citation.coordinate_linkage        ? 
_citation.country                   UK 
_citation.database_id_Medline       ? 
_citation.details                   ? 
_citation.id                        primary 
_citation.journal_abbrev            'Chem Sci' 
_citation.journal_id_ASTM           ? 
_citation.journal_id_CSD            ? 
_citation.journal_id_ISSN           2041-6520 
_citation.journal_full              ? 
_citation.journal_issue             ? 
_citation.journal_volume            13 
_citation.language                  ? 
_citation.page_first                8947 
_citation.page_last                 8952 
_citation.title                     
'The rippled beta-sheet layer configuration-a novel supramolecular architecture based on predictions by Pauling and Corey.' 
_citation.year                      2022 
_citation.database_id_CSD           ? 
_citation.pdbx_database_id_DOI      10.1039/d2sc02531k 
_citation.pdbx_database_id_PubMed   36091211 
_citation.pdbx_database_id_patent   ? 
_citation.unpublished_flag          ? 
# 
loop_
_citation_author.citation_id 
_citation_author.name 
_citation_author.ordinal 
_citation_author.identifier_ORCID 
primary 'Hazari, A.'      1 ?                   
primary 'Sawaya, M.R.'    2 ?                   
primary 'Vlahakis, N.'    3 ?                   
primary 'Johnstone, T.C.' 4 0000-0003-3615-4530 
primary 'Boyer, D.'       5 ?                   
primary 'Rodriguez, J.'   6 ?                   
primary 'Eisenberg, D.'   7 ?                   
primary 'Raskatov, J.A.'  8 0000-0002-0082-9113 
# 
loop_
_entity.id 
_entity.type 
_entity.src_method 
_entity.pdbx_description 
_entity.formula_weight 
_entity.pdbx_number_of_molecules 
_entity.pdbx_ec 
_entity.pdbx_mutation 
_entity.pdbx_fragment 
_entity.details 
1 polymer     syn PHE-TRP-PHE                       498.573 1 ? ? ? ? 
2 polymer     syn DPN-DTY-DPN                       475.537 1 ? ? ? ? 
3 non-polymer syn 1,1,1,3,3,3-hexafluoropropan-2-ol 168.038 2 ? ? ? ? 
4 water       nat water                             18.015  1 ? ? ? ? 
# 
loop_
_entity_poly.entity_id 
_entity_poly.type 
_entity_poly.nstd_linkage 
_entity_poly.nstd_monomer 
_entity_poly.pdbx_seq_one_letter_code 
_entity_poly.pdbx_seq_one_letter_code_can 
_entity_poly.pdbx_strand_id 
_entity_poly.pdbx_target_identifier 
1 'polypeptide(L)' no no  FWF               FWF A ? 
2 'polypeptide(D)' no yes '(DPN)(DTY)(DPN)' FYF B ? 
# 
loop_
_pdbx_entity_nonpoly.entity_id 
_pdbx_entity_nonpoly.name 
_pdbx_entity_nonpoly.comp_id 
3 1,1,1,3,3,3-hexafluoropropan-2-ol CFH 
4 water                             HOH 
# 
loop_
_entity_poly_seq.entity_id 
_entity_poly_seq.num 
_entity_poly_seq.mon_id 
_entity_poly_seq.hetero 
1 1 PHE n 
1 2 TRP n 
1 3 PHE n 
2 1 DPN n 
2 2 DTY n 
2 3 DPN n 
# 
loop_
_pdbx_entity_src_syn.entity_id 
_pdbx_entity_src_syn.pdbx_src_id 
_pdbx_entity_src_syn.pdbx_alt_source_flag 
_pdbx_entity_src_syn.pdbx_beg_seq_num 
_pdbx_entity_src_syn.pdbx_end_seq_num 
_pdbx_entity_src_syn.organism_scientific 
_pdbx_entity_src_syn.organism_common_name 
_pdbx_entity_src_syn.ncbi_taxonomy_id 
_pdbx_entity_src_syn.details 
1 1 sample 1 3 'synthetic construct' ? 32630 ? 
2 1 sample 1 3 'synthetic construct' ? 32630 ? 
# 
loop_
_chem_comp.id 
_chem_comp.type 
_chem_comp.mon_nstd_flag 
_chem_comp.name 
_chem_comp.pdbx_synonyms 
_chem_comp.formula 
_chem_comp.formula_weight 
CFH non-polymer         . 1,1,1,3,3,3-hexafluoropropan-2-ol ? 'C3 H2 F6 O'    168.038 
DPN 'D-peptide linking' . D-PHENYLALANINE                   ? 'C9 H11 N O2'   165.189 
DTY 'D-peptide linking' . D-TYROSINE                        ? 'C9 H11 N O3'   181.189 
HOH non-polymer         . WATER                             ? 'H2 O'          18.015  
PHE 'L-peptide linking' y PHENYLALANINE                     ? 'C9 H11 N O2'   165.189 
TRP 'L-peptide linking' y TRYPTOPHAN                        ? 'C11 H12 N2 O2' 204.225 
# 
loop_
_pdbx_poly_seq_scheme.asym_id 
_pdbx_poly_seq_scheme.entity_id 
_pdbx_poly_seq_scheme.seq_id 
_pdbx_poly_seq_scheme.mon_id 
_pdbx_poly_seq_scheme.ndb_seq_num 
_pdbx_poly_seq_scheme.pdb_seq_num 
_pdbx_poly_seq_scheme.auth_seq_num 
_pdbx_poly_seq_scheme.pdb_mon_id 
_pdbx_poly_seq_scheme.auth_mon_id 
_pdbx_poly_seq_scheme.pdb_strand_id 
_pdbx_poly_seq_scheme.pdb_ins_code 
_pdbx_poly_seq_scheme.hetero 
A 1 1 PHE 1 1 1 PHE PHE A . n 
A 1 2 TRP 2 2 2 TRP TRP A . n 
A 1 3 PHE 3 3 3 PHE PHE A . n 
B 2 1 DPN 1 1 1 DPN DPN B . n 
B 2 2 DTY 2 2 2 DTY DTY B . n 
B 2 3 DPN 3 3 3 DPN DPN B . n 
# 
loop_
_pdbx_nonpoly_scheme.asym_id 
_pdbx_nonpoly_scheme.entity_id 
_pdbx_nonpoly_scheme.mon_id 
_pdbx_nonpoly_scheme.ndb_seq_num 
_pdbx_nonpoly_scheme.pdb_seq_num 
_pdbx_nonpoly_scheme.auth_seq_num 
_pdbx_nonpoly_scheme.pdb_mon_id 
_pdbx_nonpoly_scheme.auth_mon_id 
_pdbx_nonpoly_scheme.pdb_strand_id 
_pdbx_nonpoly_scheme.pdb_ins_code 
C 3 CFH 1 101 10 CFH CFH A . 
D 3 CFH 1 101 10 CFH CFH B . 
E 4 HOH 1 201 11 HOH HOH A . 
# 
loop_
_software.citation_id 
_software.classification 
_software.compiler_name 
_software.compiler_version 
_software.contact_author 
_software.contact_author_email 
_software.date 
_software.description 
_software.dependencies 
_software.hardware 
_software.language 
_software.location 
_software.mods 
_software.name 
_software.os 
_software.os_version 
_software.type 
_software.version 
_software.pdbx_ordinal 
? refinement       ? ? ? ? ? ? ? ? ? ? ? PHENIX ? ? ? 1.20_4459 1 
? 'data reduction' ? ? ? ? ? ? ? ? ? ? ? XDS    ? ? ? .         2 
? 'data scaling'   ? ? ? ? ? ? ? ? ? ? ? XSCALE ? ? ? .         3 
? phasing          ? ? ? ? ? ? ? ? ? ? ? SHELXD ? ? ? .         4 
# 
_cell.angle_alpha                  90.000 
_cell.angle_alpha_esd              ? 
_cell.angle_beta                   95.120 
_cell.angle_beta_esd               ? 
_cell.angle_gamma                  90.000 
_cell.angle_gamma_esd              ? 
_cell.entry_id                     8DDF 
_cell.details                      ? 
_cell.formula_units_Z              ? 
_cell.length_a                     9.660 
_cell.length_a_esd                 ? 
_cell.length_b                     26.260 
_cell.length_b_esd                 ? 
_cell.length_c                     11.630 
_cell.length_c_esd                 ? 
_cell.volume                       2938.429 
_cell.volume_esd                   ? 
_cell.Z_PDB                        2 
_cell.reciprocal_angle_alpha       ? 
_cell.reciprocal_angle_beta        ? 
_cell.reciprocal_angle_gamma       ? 
_cell.reciprocal_angle_alpha_esd   ? 
_cell.reciprocal_angle_beta_esd    ? 
_cell.reciprocal_angle_gamma_esd   ? 
_cell.reciprocal_length_a          ? 
_cell.reciprocal_length_b          ? 
_cell.reciprocal_length_c          ? 
_cell.reciprocal_length_a_esd      ? 
_cell.reciprocal_length_b_esd      ? 
_cell.reciprocal_length_c_esd      ? 
_cell.pdbx_unique_axis             ? 
_cell.pdbx_esd_method              ? 
# 
_symmetry.entry_id                         8DDF 
_symmetry.cell_setting                     ? 
_symmetry.Int_Tables_number                4 
_symmetry.space_group_name_Hall            'P 2yb' 
_symmetry.space_group_name_H-M             'P 1 21 1' 
_symmetry.pdbx_full_space_group_name_H-M   ? 
# 
_exptl.absorpt_coefficient_mu     ? 
_exptl.absorpt_correction_T_max   ? 
_exptl.absorpt_correction_T_min   ? 
_exptl.absorpt_correction_type    ? 
_exptl.absorpt_process_details    ? 
_exptl.entry_id                   8DDF 
_exptl.crystals_number            1 
_exptl.details                    ? 
_exptl.method                     'X-RAY DIFFRACTION' 
_exptl.method_details             ? 
# 
_exptl_crystal.colour                       ? 
_exptl_crystal.density_diffrn               ? 
_exptl_crystal.density_Matthews             1.51 
_exptl_crystal.density_method               ? 
_exptl_crystal.density_percent_sol          18.45 
_exptl_crystal.description                  needle 
_exptl_crystal.F_000                        ? 
_exptl_crystal.id                           1 
_exptl_crystal.preparation                  ? 
_exptl_crystal.size_max                     ? 
_exptl_crystal.size_mid                     ? 
_exptl_crystal.size_min                     ? 
_exptl_crystal.size_rad                     ? 
_exptl_crystal.colour_lustre                ? 
_exptl_crystal.colour_modifier              ? 
_exptl_crystal.colour_primary               ? 
_exptl_crystal.density_meas                 ? 
_exptl_crystal.density_meas_esd             ? 
_exptl_crystal.density_meas_gt              ? 
_exptl_crystal.density_meas_lt              ? 
_exptl_crystal.density_meas_temp            ? 
_exptl_crystal.density_meas_temp_esd        ? 
_exptl_crystal.density_meas_temp_gt         ? 
_exptl_crystal.density_meas_temp_lt         ? 
_exptl_crystal.pdbx_crystal_image_url       ? 
_exptl_crystal.pdbx_crystal_image_format    ? 
_exptl_crystal.pdbx_mosaicity               ? 
_exptl_crystal.pdbx_mosaicity_esd           ? 
_exptl_crystal.pdbx_mosaic_method           ? 
_exptl_crystal.pdbx_mosaic_block_size       ? 
_exptl_crystal.pdbx_mosaic_block_size_esd   ? 
# 
_exptl_crystal_grow.apparatus       ? 
_exptl_crystal_grow.atmosphere      ? 
_exptl_crystal_grow.crystal_id      1 
_exptl_crystal_grow.details         ? 
_exptl_crystal_grow.method          'BATCH MODE' 
_exptl_crystal_grow.method_ref      ? 
_exptl_crystal_grow.pH              ? 
_exptl_crystal_grow.pressure        ? 
_exptl_crystal_grow.pressure_esd    ? 
_exptl_crystal_grow.seeding         ? 
_exptl_crystal_grow.seeding_ref     ? 
_exptl_crystal_grow.temp            298 
_exptl_crystal_grow.temp_details    ? 
_exptl_crystal_grow.temp_esd        ? 
_exptl_crystal_grow.time            ? 
_exptl_crystal_grow.pdbx_details    'Hexafluoroisopropanol, water' 
_exptl_crystal_grow.pdbx_pH_range   ? 
# 
_diffrn.ambient_environment              ? 
_diffrn.ambient_temp                     100 
_diffrn.ambient_temp_details             ? 
_diffrn.ambient_temp_esd                 ? 
_diffrn.crystal_id                       1 
_diffrn.crystal_support                  ? 
_diffrn.crystal_treatment                ? 
_diffrn.details                          ? 
_diffrn.id                               1 
_diffrn.ambient_pressure                 ? 
_diffrn.ambient_pressure_esd             ? 
_diffrn.ambient_pressure_gt              ? 
_diffrn.ambient_pressure_lt              ? 
_diffrn.ambient_temp_gt                  ? 
_diffrn.ambient_temp_lt                  ? 
_diffrn.pdbx_serial_crystal_experiment   N 
# 
_diffrn_detector.details                      ? 
_diffrn_detector.detector                     PIXEL 
_diffrn_detector.diffrn_id                    1 
_diffrn_detector.type                         'DECTRIS EIGER X 16M' 
_diffrn_detector.area_resol_mean              ? 
_diffrn_detector.dtime                        ? 
_diffrn_detector.pdbx_frames_total            ? 
_diffrn_detector.pdbx_collection_time_total   ? 
_diffrn_detector.pdbx_collection_date         2022-03-18 
_diffrn_detector.pdbx_frequency               ? 
# 
_diffrn_radiation.collimation                      ? 
_diffrn_radiation.diffrn_id                        1 
_diffrn_radiation.filter_edge                      ? 
_diffrn_radiation.inhomogeneity                    ? 
_diffrn_radiation.monochromator                    ? 
_diffrn_radiation.polarisn_norm                    ? 
_diffrn_radiation.polarisn_ratio                   ? 
_diffrn_radiation.probe                            ? 
_diffrn_radiation.type                             ? 
_diffrn_radiation.xray_symbol                      ? 
_diffrn_radiation.wavelength_id                    1 
_diffrn_radiation.pdbx_monochromatic_or_laue_m_l   M 
_diffrn_radiation.pdbx_wavelength_list             ? 
_diffrn_radiation.pdbx_wavelength                  ? 
_diffrn_radiation.pdbx_diffrn_protocol             'SINGLE WAVELENGTH' 
_diffrn_radiation.pdbx_analyzer                    ? 
_diffrn_radiation.pdbx_scattering_type             x-ray 
# 
_diffrn_radiation_wavelength.id           1 
_diffrn_radiation_wavelength.wavelength   0.9792 
_diffrn_radiation_wavelength.wt           1.0 
# 
_diffrn_source.current                     ? 
_diffrn_source.details                     ? 
_diffrn_source.diffrn_id                   1 
_diffrn_source.power                       ? 
_diffrn_source.size                        ? 
_diffrn_source.source                      SYNCHROTRON 
_diffrn_source.target                      ? 
_diffrn_source.type                        'APS BEAMLINE 24-ID-E' 
_diffrn_source.voltage                     ? 
_diffrn_source.take-off_angle              ? 
_diffrn_source.pdbx_wavelength_list        0.9792 
_diffrn_source.pdbx_wavelength             ? 
_diffrn_source.pdbx_synchrotron_beamline   24-ID-E 
_diffrn_source.pdbx_synchrotron_site       APS 
# 
_reflns.B_iso_Wilson_estimate                          9.90 
_reflns.entry_id                                       8DDF 
_reflns.data_reduction_details                         ? 
_reflns.data_reduction_method                          ? 
_reflns.d_resolution_high                              1.10 
_reflns.d_resolution_low                               13.13 
_reflns.details                                        ? 
_reflns.limit_h_max                                    ? 
_reflns.limit_h_min                                    ? 
_reflns.limit_k_max                                    ? 
_reflns.limit_k_min                                    ? 
_reflns.limit_l_max                                    ? 
_reflns.limit_l_min                                    ? 
_reflns.number_all                                     ? 
_reflns.number_obs                                     2232 
_reflns.observed_criterion                             ? 
_reflns.observed_criterion_F_max                       ? 
_reflns.observed_criterion_F_min                       ? 
_reflns.observed_criterion_I_max                       ? 
_reflns.observed_criterion_I_min                       ? 
_reflns.observed_criterion_sigma_F                     ? 
_reflns.observed_criterion_sigma_I                     ? 
_reflns.percent_possible_obs                           93.8 
_reflns.R_free_details                                 ? 
_reflns.Rmerge_F_all                                   ? 
_reflns.Rmerge_F_obs                                   ? 
_reflns.Friedel_coverage                               ? 
_reflns.number_gt                                      ? 
_reflns.threshold_expression                           ? 
_reflns.pdbx_redundancy                                5.9 
_reflns.pdbx_Rmerge_I_obs                              0.076 
_reflns.pdbx_Rmerge_I_all                              ? 
_reflns.pdbx_Rsym_value                                ? 
_reflns.pdbx_netI_over_av_sigmaI                       ? 
_reflns.pdbx_netI_over_sigmaI                          13.0 
_reflns.pdbx_res_netI_over_av_sigmaI_2                 ? 
_reflns.pdbx_res_netI_over_sigmaI_2                    ? 
_reflns.pdbx_chi_squared                               ? 
_reflns.pdbx_scaling_rejects                           ? 
_reflns.pdbx_d_res_high_opt                            ? 
_reflns.pdbx_d_res_low_opt                             ? 
_reflns.pdbx_d_res_opt_method                          ? 
_reflns.phase_calculation_details                      ? 
_reflns.pdbx_Rrim_I_all                                ? 
_reflns.pdbx_Rpim_I_all                                ? 
_reflns.pdbx_d_opt                                     ? 
_reflns.pdbx_number_measured_all                       ? 
_reflns.pdbx_diffrn_id                                 1 
_reflns.pdbx_ordinal                                   1 
_reflns.pdbx_CC_half                                   ? 
_reflns.pdbx_CC_star                                   ? 
_reflns.pdbx_R_split                                   ? 
_reflns.pdbx_aniso_diffraction_limit_axis_1_ortho[1]   ? 
_reflns.pdbx_aniso_diffraction_limit_axis_1_ortho[2]   ? 
_reflns.pdbx_aniso_diffraction_limit_axis_1_ortho[3]   ? 
_reflns.pdbx_aniso_diffraction_limit_axis_2_ortho[1]   ? 
_reflns.pdbx_aniso_diffraction_limit_axis_2_ortho[2]   ? 
_reflns.pdbx_aniso_diffraction_limit_axis_2_ortho[3]   ? 
_reflns.pdbx_aniso_diffraction_limit_axis_3_ortho[1]   ? 
_reflns.pdbx_aniso_diffraction_limit_axis_3_ortho[2]   ? 
_reflns.pdbx_aniso_diffraction_limit_axis_3_ortho[3]   ? 
_reflns.pdbx_aniso_diffraction_limit_1                 ? 
_reflns.pdbx_aniso_diffraction_limit_2                 ? 
_reflns.pdbx_aniso_diffraction_limit_3                 ? 
_reflns.pdbx_aniso_B_tensor_eigenvector_1_ortho[1]     ? 
_reflns.pdbx_aniso_B_tensor_eigenvector_1_ortho[2]     ? 
_reflns.pdbx_aniso_B_tensor_eigenvector_1_ortho[3]     ? 
_reflns.pdbx_aniso_B_tensor_eigenvector_2_ortho[1]     ? 
_reflns.pdbx_aniso_B_tensor_eigenvector_2_ortho[2]     ? 
_reflns.pdbx_aniso_B_tensor_eigenvector_2_ortho[3]     ? 
_reflns.pdbx_aniso_B_tensor_eigenvector_3_ortho[1]     ? 
_reflns.pdbx_aniso_B_tensor_eigenvector_3_ortho[2]     ? 
_reflns.pdbx_aniso_B_tensor_eigenvector_3_ortho[3]     ? 
_reflns.pdbx_aniso_B_tensor_eigenvalue_1               ? 
_reflns.pdbx_aniso_B_tensor_eigenvalue_2               ? 
_reflns.pdbx_aniso_B_tensor_eigenvalue_3               ? 
_reflns.pdbx_orthogonalization_convention              ? 
_reflns.pdbx_percent_possible_ellipsoidal              ? 
_reflns.pdbx_percent_possible_spherical                ? 
_reflns.pdbx_percent_possible_ellipsoidal_anomalous    ? 
_reflns.pdbx_percent_possible_spherical_anomalous      ? 
_reflns.pdbx_redundancy_anomalous                      ? 
_reflns.pdbx_CC_half_anomalous                         ? 
_reflns.pdbx_absDiff_over_sigma_anomalous              ? 
_reflns.pdbx_percent_possible_anomalous                ? 
_reflns.pdbx_observed_signal_threshold                 ? 
_reflns.pdbx_signal_type                               ? 
_reflns.pdbx_signal_details                            ? 
_reflns.pdbx_signal_software_id                        ? 
_reflns.pdbx_CC_split_method                           ? 
# 
_reflns_shell.d_res_high                                    1.10 
_reflns_shell.d_res_low                                     1.13 
_reflns_shell.meanI_over_sigI_all                           ? 
_reflns_shell.meanI_over_sigI_obs                           3.6 
_reflns_shell.number_measured_all                           ? 
_reflns_shell.number_measured_obs                           ? 
_reflns_shell.number_possible                               ? 
_reflns_shell.number_unique_all                             ? 
_reflns_shell.number_unique_obs                             308 
_reflns_shell.percent_possible_all                          66.1 
_reflns_shell.percent_possible_obs                          ? 
_reflns_shell.Rmerge_F_all                                  ? 
_reflns_shell.Rmerge_F_obs                                  ? 
_reflns_shell.Rmerge_I_all                                  ? 
_reflns_shell.Rmerge_I_obs                                  0.255 
_reflns_shell.meanI_over_sigI_gt                            ? 
_reflns_shell.meanI_over_uI_all                             ? 
_reflns_shell.meanI_over_uI_gt                              ? 
_reflns_shell.number_measured_gt                            ? 
_reflns_shell.number_unique_gt                              ? 
_reflns_shell.percent_possible_gt                           ? 
_reflns_shell.Rmerge_F_gt                                   ? 
_reflns_shell.Rmerge_I_gt                                   ? 
_reflns_shell.pdbx_redundancy                               2.7 
_reflns_shell.pdbx_Rsym_value                               ? 
_reflns_shell.pdbx_chi_squared                              ? 
_reflns_shell.pdbx_netI_over_sigmaI_all                     ? 
_reflns_shell.pdbx_netI_over_sigmaI_obs                     ? 
_reflns_shell.pdbx_Rrim_I_all                               ? 
_reflns_shell.pdbx_Rpim_I_all                               ? 
_reflns_shell.pdbx_rejects                                  ? 
_reflns_shell.pdbx_ordinal                                  1 
_reflns_shell.pdbx_diffrn_id                                1 
_reflns_shell.pdbx_CC_half                                  0.943 
_reflns_shell.pdbx_CC_star                                  ? 
_reflns_shell.pdbx_R_split                                  ? 
_reflns_shell.pdbx_percent_possible_ellipsoidal             ? 
_reflns_shell.pdbx_percent_possible_spherical               ? 
_reflns_shell.pdbx_percent_possible_ellipsoidal_anomalous   ? 
_reflns_shell.pdbx_percent_possible_spherical_anomalous     ? 
_reflns_shell.pdbx_redundancy_anomalous                     ? 
_reflns_shell.pdbx_CC_half_anomalous                        ? 
_reflns_shell.pdbx_absDiff_over_sigma_anomalous             ? 
_reflns_shell.pdbx_percent_possible_anomalous               ? 
# 
_refine.aniso_B[1][1]                            ? 
_refine.aniso_B[1][2]                            ? 
_refine.aniso_B[1][3]                            ? 
_refine.aniso_B[2][2]                            ? 
_refine.aniso_B[2][3]                            ? 
_refine.aniso_B[3][3]                            ? 
_refine.B_iso_max                                ? 
_refine.B_iso_mean                               11.86 
_refine.B_iso_min                                ? 
_refine.correlation_coeff_Fo_to_Fc               ? 
_refine.correlation_coeff_Fo_to_Fc_free          ? 
_refine.details                                  ? 
_refine.diff_density_max                         ? 
_refine.diff_density_max_esd                     ? 
_refine.diff_density_min                         ? 
_refine.diff_density_min_esd                     ? 
_refine.diff_density_rms                         ? 
_refine.diff_density_rms_esd                     ? 
_refine.entry_id                                 8DDF 
_refine.pdbx_refine_id                           'X-RAY DIFFRACTION' 
_refine.ls_abs_structure_details                 ? 
_refine.ls_abs_structure_Flack                   ? 
_refine.ls_abs_structure_Flack_esd               ? 
_refine.ls_abs_structure_Rogers                  ? 
_refine.ls_abs_structure_Rogers_esd              ? 
_refine.ls_d_res_high                            1.10 
_refine.ls_d_res_low                             13.13 
_refine.ls_extinction_coef                       ? 
_refine.ls_extinction_coef_esd                   ? 
_refine.ls_extinction_expression                 ? 
_refine.ls_extinction_method                     ? 
_refine.ls_goodness_of_fit_all                   ? 
_refine.ls_goodness_of_fit_all_esd               ? 
_refine.ls_goodness_of_fit_obs                   ? 
_refine.ls_goodness_of_fit_obs_esd               ? 
_refine.ls_hydrogen_treatment                    ? 
_refine.ls_matrix_type                           ? 
_refine.ls_number_constraints                    ? 
_refine.ls_number_parameters                     ? 
_refine.ls_number_reflns_all                     ? 
_refine.ls_number_reflns_obs                     2223 
_refine.ls_number_reflns_R_free                  224 
_refine.ls_number_reflns_R_work                  1999 
_refine.ls_number_restraints                     ? 
_refine.ls_percent_reflns_obs                    93.40 
_refine.ls_percent_reflns_R_free                 10.08 
_refine.ls_R_factor_all                          ? 
_refine.ls_R_factor_obs                          0.0952 
_refine.ls_R_factor_R_free                       0.1274 
_refine.ls_R_factor_R_free_error                 ? 
_refine.ls_R_factor_R_free_error_details         ? 
_refine.ls_R_factor_R_work                       0.0915 
_refine.ls_R_Fsqd_factor_obs                     ? 
_refine.ls_R_I_factor_obs                        ? 
_refine.ls_redundancy_reflns_all                 ? 
_refine.ls_redundancy_reflns_obs                 ? 
_refine.ls_restrained_S_all                      ? 
_refine.ls_restrained_S_obs                      ? 
_refine.ls_shift_over_esd_max                    ? 
_refine.ls_shift_over_esd_mean                   ? 
_refine.ls_structure_factor_coef                 ? 
_refine.ls_weighting_details                     ? 
_refine.ls_weighting_scheme                      ? 
_refine.ls_wR_factor_all                         ? 
_refine.ls_wR_factor_obs                         ? 
_refine.ls_wR_factor_R_free                      ? 
_refine.ls_wR_factor_R_work                      ? 
_refine.occupancy_max                            ? 
_refine.occupancy_min                            ? 
_refine.solvent_model_details                    'FLAT BULK SOLVENT MODEL' 
_refine.solvent_model_param_bsol                 ? 
_refine.solvent_model_param_ksol                 ? 
_refine.pdbx_R_complete                          ? 
_refine.ls_R_factor_gt                           ? 
_refine.ls_goodness_of_fit_gt                    ? 
_refine.ls_goodness_of_fit_ref                   ? 
_refine.ls_shift_over_su_max                     ? 
_refine.ls_shift_over_su_max_lt                  ? 
_refine.ls_shift_over_su_mean                    ? 
_refine.ls_shift_over_su_mean_lt                 ? 
_refine.pdbx_ls_sigma_I                          ? 
_refine.pdbx_ls_sigma_F                          1.41 
_refine.pdbx_ls_sigma_Fsqd                       ? 
_refine.pdbx_data_cutoff_high_absF               ? 
_refine.pdbx_data_cutoff_high_rms_absF           ? 
_refine.pdbx_data_cutoff_low_absF                ? 
_refine.pdbx_isotropic_thermal_model             ? 
_refine.pdbx_ls_cross_valid_method               'FREE R-VALUE' 
_refine.pdbx_method_to_determine_struct          'AB INITIO PHASING' 
_refine.pdbx_starting_model                      ? 
_refine.pdbx_stereochemistry_target_values       'GeoStd + Monomer Library + CDL v1.2' 
_refine.pdbx_R_Free_selection_details            ? 
_refine.pdbx_stereochem_target_val_spec_case     ? 
_refine.pdbx_overall_ESU_R                       ? 
_refine.pdbx_overall_ESU_R_Free                  ? 
_refine.pdbx_solvent_vdw_probe_radii             1.1000 
_refine.pdbx_solvent_ion_probe_radii             ? 
_refine.pdbx_solvent_shrinkage_radii             0.9000 
_refine.pdbx_real_space_R                        ? 
_refine.pdbx_density_correlation                 ? 
_refine.pdbx_pd_number_of_powder_patterns        ? 
_refine.pdbx_pd_number_of_points                 ? 
_refine.pdbx_pd_meas_number_of_points            ? 
_refine.pdbx_pd_proc_ls_prof_R_factor            ? 
_refine.pdbx_pd_proc_ls_prof_wR_factor           ? 
_refine.pdbx_pd_Marquardt_correlation_coeff      ? 
_refine.pdbx_pd_Fsqrd_R_factor                   ? 
_refine.pdbx_pd_ls_matrix_band_width             ? 
_refine.pdbx_overall_phase_error                 18.1110 
_refine.pdbx_overall_SU_R_free_Cruickshank_DPI   ? 
_refine.pdbx_overall_SU_R_free_Blow_DPI          ? 
_refine.pdbx_overall_SU_R_Blow_DPI               ? 
_refine.pdbx_TLS_residual_ADP_flag               ? 
_refine.pdbx_diffrn_id                           1 
_refine.overall_SU_B                             ? 
_refine.overall_SU_ML                            0.0835 
_refine.overall_SU_R_Cruickshank_DPI             ? 
_refine.overall_SU_R_free                        ? 
_refine.overall_FOM_free_R_set                   ? 
_refine.overall_FOM_work_R_set                   ? 
_refine.pdbx_average_fsc_overall                 ? 
_refine.pdbx_average_fsc_work                    ? 
_refine.pdbx_average_fsc_free                    ? 
# 
_refine_hist.pdbx_refine_id                   'X-RAY DIFFRACTION' 
_refine_hist.cycle_id                         LAST 
_refine_hist.details                          ? 
_refine_hist.d_res_high                       1.10 
_refine_hist.d_res_low                        13.13 
_refine_hist.number_atoms_solvent             1 
_refine_hist.number_atoms_total               93 
_refine_hist.number_reflns_all                ? 
_refine_hist.number_reflns_obs                ? 
_refine_hist.number_reflns_R_free             ? 
_refine_hist.number_reflns_R_work             ? 
_refine_hist.R_factor_all                     ? 
_refine_hist.R_factor_obs                     ? 
_refine_hist.R_factor_R_free                  ? 
_refine_hist.R_factor_R_work                  ? 
_refine_hist.pdbx_number_residues_total       ? 
_refine_hist.pdbx_B_iso_mean_ligand           ? 
_refine_hist.pdbx_B_iso_mean_solvent          ? 
_refine_hist.pdbx_number_atoms_protein        82 
_refine_hist.pdbx_number_atoms_nucleic_acid   0 
_refine_hist.pdbx_number_atoms_ligand         10 
_refine_hist.pdbx_number_atoms_lipid          ? 
_refine_hist.pdbx_number_atoms_carb           ? 
_refine_hist.pdbx_pseudo_atom_details         ? 
# 
loop_
_refine_ls_restr.pdbx_refine_id 
_refine_ls_restr.criterion 
_refine_ls_restr.dev_ideal 
_refine_ls_restr.dev_ideal_target 
_refine_ls_restr.number 
_refine_ls_restr.rejects 
_refine_ls_restr.type 
_refine_ls_restr.weight 
_refine_ls_restr.pdbx_restraint_function 
'X-RAY DIFFRACTION' ? 0.0166  ? 120 ? f_bond_d           ? ? 
'X-RAY DIFFRACTION' ? 2.7560  ? 172 ? f_angle_d          ? ? 
'X-RAY DIFFRACTION' ? 0.1078  ? 8   ? f_chiral_restr     ? ? 
'X-RAY DIFFRACTION' ? 0.0105  ? 16  ? f_plane_restr      ? ? 
'X-RAY DIFFRACTION' ? 17.4761 ? 32  ? f_dihedral_angle_d ? ? 
# 
loop_
_refine_ls_shell.pdbx_refine_id 
_refine_ls_shell.d_res_high 
_refine_ls_shell.d_res_low 
_refine_ls_shell.number_reflns_all 
_refine_ls_shell.number_reflns_obs 
_refine_ls_shell.number_reflns_R_free 
_refine_ls_shell.number_reflns_R_work 
_refine_ls_shell.percent_reflns_obs 
_refine_ls_shell.percent_reflns_R_free 
_refine_ls_shell.R_factor_all 
_refine_ls_shell.R_factor_obs 
_refine_ls_shell.R_factor_R_free 
_refine_ls_shell.R_factor_R_free_error 
_refine_ls_shell.R_factor_R_work 
_refine_ls_shell.redundancy_reflns_all 
_refine_ls_shell.redundancy_reflns_obs 
_refine_ls_shell.wR_factor_all 
_refine_ls_shell.wR_factor_obs 
_refine_ls_shell.wR_factor_R_free 
_refine_ls_shell.wR_factor_R_work 
_refine_ls_shell.pdbx_R_complete 
_refine_ls_shell.pdbx_total_number_of_bins_used 
_refine_ls_shell.pdbx_phase_error 
_refine_ls_shell.pdbx_fsc_work 
_refine_ls_shell.pdbx_fsc_free 
'X-RAY DIFFRACTION' 1.10 1.39  . . 104 926  87.21 . . . 0.1564 . 0.1440 . . . . . . . . . . . 
'X-RAY DIFFRACTION' 1.39 13.13 . . 120 1073 99.50 . . . 0.1203 . 0.0783 . . . . . . . . . . . 
# 
_struct.entry_id                     8DDF 
_struct.title                        'Quasi-racemic mixture of L-FWF and D-FYF peptide reveals rippled beta-sheet' 
_struct.pdbx_model_details           ? 
_struct.pdbx_formula_weight          ? 
_struct.pdbx_formula_weight_method   ? 
_struct.pdbx_model_type_details      ? 
_struct.pdbx_CASP_flag               N 
# 
_struct_keywords.entry_id        8DDF 
_struct_keywords.text            'Rippled beta-sheet, quasi-racemic peptides, PROTEIN FIBRIL' 
_struct_keywords.pdbx_keywords   'PROTEIN FIBRIL' 
# 
loop_
_struct_asym.id 
_struct_asym.pdbx_blank_PDB_chainid_flag 
_struct_asym.pdbx_modified 
_struct_asym.entity_id 
_struct_asym.details 
A N N 1 ? 
B N N 2 ? 
C N N 3 ? 
D N N 3 ? 
E N N 4 ? 
# 
loop_
_struct_ref.id 
_struct_ref.db_name 
_struct_ref.db_code 
_struct_ref.pdbx_db_accession 
_struct_ref.pdbx_db_isoform 
_struct_ref.entity_id 
_struct_ref.pdbx_seq_one_letter_code 
_struct_ref.pdbx_align_begin 
1 PDB 8DDF 8DDF ? 1 ? 1 
2 PDB 8DDF 8DDF ? 2 ? 1 
# 
loop_
_struct_ref_seq.align_id 
_struct_ref_seq.ref_id 
_struct_ref_seq.pdbx_PDB_id_code 
_struct_ref_seq.pdbx_strand_id 
_struct_ref_seq.seq_align_beg 
_struct_ref_seq.pdbx_seq_align_beg_ins_code 
_struct_ref_seq.seq_align_end 
_struct_ref_seq.pdbx_seq_align_end_ins_code 
_struct_ref_seq.pdbx_db_accession 
_struct_ref_seq.db_align_beg 
_struct_ref_seq.pdbx_db_align_beg_ins_code 
_struct_ref_seq.db_align_end 
_struct_ref_seq.pdbx_db_align_end_ins_code 
_struct_ref_seq.pdbx_auth_seq_align_beg 
_struct_ref_seq.pdbx_auth_seq_align_end 
1 1 8DDF A 1 ? 3 ? 8DDF 1 ? 3 ? 1 3 
2 2 8DDF B 1 ? 3 ? 8DDF 1 ? 3 ? 1 3 
# 
_pdbx_struct_assembly.id                   1 
_pdbx_struct_assembly.details              author_defined_assembly 
_pdbx_struct_assembly.method_details       ? 
_pdbx_struct_assembly.oligomeric_details   hexameric 
_pdbx_struct_assembly.oligomeric_count     6 
# 
loop_
_pdbx_struct_assembly_gen.assembly_id 
_pdbx_struct_assembly_gen.oper_expression 
_pdbx_struct_assembly_gen.asym_id_list 
1 1 A,B,C,D,E 
1 2 A,B,C,D,E 
1 3 A,B,C,D,E 
# 
_pdbx_struct_assembly_auth_evidence.id                     1 
_pdbx_struct_assembly_auth_evidence.assembly_id            1 
_pdbx_struct_assembly_auth_evidence.experimental_support   none 
_pdbx_struct_assembly_auth_evidence.details                ? 
# 
loop_
_pdbx_struct_oper_list.id 
_pdbx_struct_oper_list.type 
_pdbx_struct_oper_list.name 
_pdbx_struct_oper_list.symmetry_operation 
_pdbx_struct_oper_list.matrix[1][1] 
_pdbx_struct_oper_list.matrix[1][2] 
_pdbx_struct_oper_list.matrix[1][3] 
_pdbx_struct_oper_list.vector[1] 
_pdbx_struct_oper_list.matrix[2][1] 
_pdbx_struct_oper_list.matrix[2][2] 
_pdbx_struct_oper_list.matrix[2][3] 
_pdbx_struct_oper_list.vector[2] 
_pdbx_struct_oper_list.matrix[3][1] 
_pdbx_struct_oper_list.matrix[3][2] 
_pdbx_struct_oper_list.matrix[3][3] 
_pdbx_struct_oper_list.vector[3] 
1 'identity operation'         1_555 x,y,z   1.0000000000 0.0000000000 0.0000000000 0.0000000000  0.0000000000 1.0000000000 0.0000000000 0.0000000000  0.0000000000 0.0000000000 1.0000000000 0.0000000000  
2 'crystal symmetry operation' 1_655 x+1,y,z 1.0000000000 0.0000000000 0.0000000000 8.4797499099  0.0000000000 1.0000000000 0.0000000000 -4.4363448815 0.0000000000 0.0000000000 1.0000000000 -1.3146427491 
3 'crystal symmetry operation' 1_455 x-1,y,z 1.0000000000 0.0000000000 0.0000000000 -8.4797499099 0.0000000000 1.0000000000 0.0000000000 4.4363448815  0.0000000000 0.0000000000 1.0000000000 1.3146427491 
# 
loop_
_struct_conn.id 
_struct_conn.conn_type_id 
_struct_conn.pdbx_leaving_atom_flag 
_struct_conn.pdbx_PDB_id 
_struct_conn.ptnr1_label_asym_id 
_struct_conn.ptnr1_label_comp_id 
_struct_conn.ptnr1_label_seq_id 
_struct_conn.ptnr1_label_atom_id 
_struct_conn.pdbx_ptnr1_label_alt_id 
_struct_conn.pdbx_ptnr1_PDB_ins_code 
_struct_conn.pdbx_ptnr1_standard_comp_id 
_struct_conn.ptnr1_symmetry 
_struct_conn.ptnr2_label_asym_id 
_struct_conn.ptnr2_label_comp_id 
_struct_conn.ptnr2_label_seq_id 
_struct_conn.ptnr2_label_atom_id 
_struct_conn.pdbx_ptnr2_label_alt_id 
_struct_conn.pdbx_ptnr2_PDB_ins_code 
_struct_conn.ptnr1_auth_asym_id 
_struct_conn.ptnr1_auth_comp_id 
_struct_conn.ptnr1_auth_seq_id 
_struct_conn.ptnr2_auth_asym_id 
_struct_conn.ptnr2_auth_comp_id 
_struct_conn.ptnr2_auth_seq_id 
_struct_conn.ptnr2_symmetry 
_struct_conn.pdbx_ptnr3_label_atom_id 
_struct_conn.pdbx_ptnr3_label_seq_id 
_struct_conn.pdbx_ptnr3_label_comp_id 
_struct_conn.pdbx_ptnr3_label_asym_id 
_struct_conn.pdbx_ptnr3_label_alt_id 
_struct_conn.pdbx_ptnr3_PDB_ins_code 
_struct_conn.details 
_struct_conn.pdbx_dist_value 
_struct_conn.pdbx_value_order 
_struct_conn.pdbx_role 
covale1 covale both ? B DPN 1 C ? ? ? 1_555 B DTY 2 N ? ? B DPN 1 B DTY 2 1_555 ? ? ? ? ? ? ? 1.308 ? ? 
covale2 covale both ? B DTY 2 C ? ? ? 1_555 B DPN 3 N ? ? B DTY 2 B DPN 3 1_555 ? ? ? ? ? ? ? 1.318 ? ? 
# 
_struct_conn_type.id          covale 
_struct_conn_type.criteria    ? 
_struct_conn_type.reference   ? 
# 
_pdbx_entry_details.entry_id                   8DDF 
_pdbx_entry_details.has_ligand_of_interest     N 
_pdbx_entry_details.compound_details           ? 
_pdbx_entry_details.source_details             ? 
_pdbx_entry_details.nonpolymer_details         ? 
_pdbx_entry_details.sequence_details           ? 
_pdbx_entry_details.has_protein_modification   N 
# 
_pdbx_validate_rmsd_angle.id                         1 
_pdbx_validate_rmsd_angle.PDB_model_num              1 
_pdbx_validate_rmsd_angle.auth_atom_id_1             CB 
_pdbx_validate_rmsd_angle.auth_asym_id_1             B 
_pdbx_validate_rmsd_angle.auth_comp_id_1             DPN 
_pdbx_validate_rmsd_angle.auth_seq_id_1              1 
_pdbx_validate_rmsd_angle.PDB_ins_code_1             ? 
_pdbx_validate_rmsd_angle.label_alt_id_1             ? 
_pdbx_validate_rmsd_angle.auth_atom_id_2             CG 
_pdbx_validate_rmsd_angle.auth_asym_id_2             B 
_pdbx_validate_rmsd_angle.auth_comp_id_2             DPN 
_pdbx_validate_rmsd_angle.auth_seq_id_2              1 
_pdbx_validate_rmsd_angle.PDB_ins_code_2             ? 
_pdbx_validate_rmsd_angle.label_alt_id_2             ? 
_pdbx_validate_rmsd_angle.auth_atom_id_3             CD1 
_pdbx_validate_rmsd_angle.auth_asym_id_3             B 
_pdbx_validate_rmsd_angle.auth_comp_id_3             DPN 
_pdbx_validate_rmsd_angle.auth_seq_id_3              1 
_pdbx_validate_rmsd_angle.PDB_ins_code_3             ? 
_pdbx_validate_rmsd_angle.label_alt_id_3             ? 
_pdbx_validate_rmsd_angle.angle_value                126.88 
_pdbx_validate_rmsd_angle.angle_target_value         120.80 
_pdbx_validate_rmsd_angle.angle_deviation            6.08 
_pdbx_validate_rmsd_angle.angle_standard_deviation   0.70 
_pdbx_validate_rmsd_angle.linker_flag                N 
# 
loop_
_space_group_symop.id 
_space_group_symop.operation_xyz 
1 x,y,z       
2 -x,y+1/2,-z 
# 
loop_
_chem_comp_atom.comp_id 
_chem_comp_atom.atom_id 
_chem_comp_atom.type_symbol 
_chem_comp_atom.pdbx_aromatic_flag 
_chem_comp_atom.pdbx_stereo_config 
_chem_comp_atom.pdbx_ordinal 
CFH F7  F N N 1   
CFH C1  C N N 2   
CFH F5  F N N 3   
CFH F6  F N N 4   
CFH C2  C N N 5   
CFH O4  O N N 6   
CFH C3  C N N 7   
CFH F10 F N N 8   
CFH F8  F N N 9   
CFH F9  F N N 10  
CFH H2  H N N 11  
CFH HO4 H N N 12  
DPN N   N N N 13  
DPN CA  C N R 14  
DPN C   C N N 15  
DPN O   O N N 16  
DPN OXT O N N 17  
DPN CB  C N N 18  
DPN CG  C Y N 19  
DPN CD1 C Y N 20  
DPN CD2 C Y N 21  
DPN CE1 C Y N 22  
DPN CE2 C Y N 23  
DPN CZ  C Y N 24  
DPN H   H N N 25  
DPN H2  H N N 26  
DPN HA  H N N 27  
DPN HXT H N N 28  
DPN HB2 H N N 29  
DPN HB3 H N N 30  
DPN HD1 H N N 31  
DPN HD2 H N N 32  
DPN HE1 H N N 33  
DPN HE2 H N N 34  
DPN HZ  H N N 35  
DTY N   N N N 36  
DTY CA  C N R 37  
DTY C   C N N 38  
DTY O   O N N 39  
DTY CB  C N N 40  
DTY CG  C Y N 41  
DTY CD1 C Y N 42  
DTY CD2 C Y N 43  
DTY CE1 C Y N 44  
DTY CE2 C Y N 45  
DTY CZ  C Y N 46  
DTY OH  O N N 47  
DTY OXT O N N 48  
DTY H   H N N 49  
DTY H2  H N N 50  
DTY HA  H N N 51  
DTY HB2 H N N 52  
DTY HB3 H N N 53  
DTY HD1 H N N 54  
DTY HD2 H N N 55  
DTY HE1 H N N 56  
DTY HE2 H N N 57  
DTY HH  H N N 58  
DTY HXT H N N 59  
HOH O   O N N 60  
HOH H1  H N N 61  
HOH H2  H N N 62  
PHE N   N N N 63  
PHE CA  C N S 64  
PHE C   C N N 65  
PHE O   O N N 66  
PHE CB  C N N 67  
PHE CG  C Y N 68  
PHE CD1 C Y N 69  
PHE CD2 C Y N 70  
PHE CE1 C Y N 71  
PHE CE2 C Y N 72  
PHE CZ  C Y N 73  
PHE OXT O N N 74  
PHE H   H N N 75  
PHE H2  H N N 76  
PHE HA  H N N 77  
PHE HB2 H N N 78  
PHE HB3 H N N 79  
PHE HD1 H N N 80  
PHE HD2 H N N 81  
PHE HE1 H N N 82  
PHE HE2 H N N 83  
PHE HZ  H N N 84  
PHE HXT H N N 85  
TRP N   N N N 86  
TRP CA  C N S 87  
TRP C   C N N 88  
TRP O   O N N 89  
TRP CB  C N N 90  
TRP CG  C Y N 91  
TRP CD1 C Y N 92  
TRP CD2 C Y N 93  
TRP NE1 N Y N 94  
TRP CE2 C Y N 95  
TRP CE3 C Y N 96  
TRP CZ2 C Y N 97  
TRP CZ3 C Y N 98  
TRP CH2 C Y N 99  
TRP OXT O N N 100 
TRP H   H N N 101 
TRP H2  H N N 102 
TRP HA  H N N 103 
TRP HB2 H N N 104 
TRP HB3 H N N 105 
TRP HD1 H N N 106 
TRP HE1 H N N 107 
TRP HE3 H N N 108 
TRP HZ2 H N N 109 
TRP HZ3 H N N 110 
TRP HH2 H N N 111 
TRP HXT H N N 112 
# 
loop_
_chem_comp_bond.comp_id 
_chem_comp_bond.atom_id_1 
_chem_comp_bond.atom_id_2 
_chem_comp_bond.value_order 
_chem_comp_bond.pdbx_aromatic_flag 
_chem_comp_bond.pdbx_stereo_config 
_chem_comp_bond.pdbx_ordinal 
CFH F7  C1  sing N N 1   
CFH C1  F5  sing N N 2   
CFH C1  F6  sing N N 3   
CFH C1  C2  sing N N 4   
CFH C2  O4  sing N N 5   
CFH C2  C3  sing N N 6   
CFH C3  F10 sing N N 7   
CFH C3  F8  sing N N 8   
CFH C3  F9  sing N N 9   
CFH C2  H2  sing N N 10  
CFH O4  HO4 sing N N 11  
DPN N   CA  sing N N 12  
DPN N   H   sing N N 13  
DPN N   H2  sing N N 14  
DPN CA  C   sing N N 15  
DPN CA  CB  sing N N 16  
DPN CA  HA  sing N N 17  
DPN C   O   doub N N 18  
DPN C   OXT sing N N 19  
DPN OXT HXT sing N N 20  
DPN CB  CG  sing N N 21  
DPN CB  HB2 sing N N 22  
DPN CB  HB3 sing N N 23  
DPN CG  CD1 doub Y N 24  
DPN CG  CD2 sing Y N 25  
DPN CD1 CE1 sing Y N 26  
DPN CD1 HD1 sing N N 27  
DPN CD2 CE2 doub Y N 28  
DPN CD2 HD2 sing N N 29  
DPN CE1 CZ  doub Y N 30  
DPN CE1 HE1 sing N N 31  
DPN CE2 CZ  sing Y N 32  
DPN CE2 HE2 sing N N 33  
DPN CZ  HZ  sing N N 34  
DTY N   CA  sing N N 35  
DTY N   H   sing N N 36  
DTY N   H2  sing N N 37  
DTY CA  C   sing N N 38  
DTY CA  CB  sing N N 39  
DTY CA  HA  sing N N 40  
DTY C   O   doub N N 41  
DTY C   OXT sing N N 42  
DTY CB  CG  sing N N 43  
DTY CB  HB2 sing N N 44  
DTY CB  HB3 sing N N 45  
DTY CG  CD1 doub Y N 46  
DTY CG  CD2 sing Y N 47  
DTY CD1 CE1 sing Y N 48  
DTY CD1 HD1 sing N N 49  
DTY CD2 CE2 doub Y N 50  
DTY CD2 HD2 sing N N 51  
DTY CE1 CZ  doub Y N 52  
DTY CE1 HE1 sing N N 53  
DTY CE2 CZ  sing Y N 54  
DTY CE2 HE2 sing N N 55  
DTY CZ  OH  sing N N 56  
DTY OH  HH  sing N N 57  
DTY OXT HXT sing N N 58  
HOH O   H1  sing N N 59  
HOH O   H2  sing N N 60  
PHE N   CA  sing N N 61  
PHE N   H   sing N N 62  
PHE N   H2  sing N N 63  
PHE CA  C   sing N N 64  
PHE CA  CB  sing N N 65  
PHE CA  HA  sing N N 66  
PHE C   O   doub N N 67  
PHE C   OXT sing N N 68  
PHE CB  CG  sing N N 69  
PHE CB  HB2 sing N N 70  
PHE CB  HB3 sing N N 71  
PHE CG  CD1 doub Y N 72  
PHE CG  CD2 sing Y N 73  
PHE CD1 CE1 sing Y N 74  
PHE CD1 HD1 sing N N 75  
PHE CD2 CE2 doub Y N 76  
PHE CD2 HD2 sing N N 77  
PHE CE1 CZ  doub Y N 78  
PHE CE1 HE1 sing N N 79  
PHE CE2 CZ  sing Y N 80  
PHE CE2 HE2 sing N N 81  
PHE CZ  HZ  sing N N 82  
PHE OXT HXT sing N N 83  
TRP N   CA  sing N N 84  
TRP N   H   sing N N 85  
TRP N   H2  sing N N 86  
TRP CA  C   sing N N 87  
TRP CA  CB  sing N N 88  
TRP CA  HA  sing N N 89  
TRP C   O   doub N N 90  
TRP C   OXT sing N N 91  
TRP CB  CG  sing N N 92  
TRP CB  HB2 sing N N 93  
TRP CB  HB3 sing N N 94  
TRP CG  CD1 doub Y N 95  
TRP CG  CD2 sing Y N 96  
TRP CD1 NE1 sing Y N 97  
TRP CD1 HD1 sing N N 98  
TRP CD2 CE2 doub Y N 99  
TRP CD2 CE3 sing Y N 100 
TRP NE1 CE2 sing Y N 101 
TRP NE1 HE1 sing N N 102 
TRP CE2 CZ2 sing Y N 103 
TRP CE3 CZ3 doub Y N 104 
TRP CE3 HE3 sing N N 105 
TRP CZ2 CH2 doub Y N 106 
TRP CZ2 HZ2 sing N N 107 
TRP CZ3 CH2 sing Y N 108 
TRP CZ3 HZ3 sing N N 109 
TRP CH2 HH2 sing N N 110 
TRP OXT HXT sing N N 111 
# 
_pdbx_audit_support.funding_organization   'Not funded' 
_pdbx_audit_support.country                ? 
_pdbx_audit_support.grant_number           ? 
_pdbx_audit_support.ordinal                1 
# 
_space_group.name_H-M_alt     'P 1 21 1' 
_space_group.name_Hall        'P 2yb' 
_space_group.IT_number        4 
_space_group.crystal_system   monoclinic 
_space_group.id               1 
# 
_atom_sites.entry_id                    8DDF 
_atom_sites.Cartn_transf_matrix[1][1]   ? 
_atom_sites.Cartn_transf_matrix[1][2]   ? 
_atom_sites.Cartn_transf_matrix[1][3]   ? 
_atom_sites.Cartn_transf_matrix[2][1]   ? 
_atom_sites.Cartn_transf_matrix[2][2]   ? 
_atom_sites.Cartn_transf_matrix[2][3]   ? 
_atom_sites.Cartn_transf_matrix[3][1]   ? 
_atom_sites.Cartn_transf_matrix[3][2]   ? 
_atom_sites.Cartn_transf_matrix[3][3]   ? 
_atom_sites.Cartn_transf_vector[1]      ? 
_atom_sites.Cartn_transf_vector[2]      ? 
_atom_sites.Cartn_transf_vector[3]      ? 
_atom_sites.fract_transf_matrix[1][1]   0.09316188 
_atom_sites.fract_transf_matrix[1][2]   -0.04577609 
_atom_sites.fract_transf_matrix[1][3]   -0.00527537 
_atom_sites.fract_transf_matrix[2][1]   0.01563075 
_atom_sites.fract_transf_matrix[2][2]   0.03304199 
_atom_sites.fract_transf_matrix[2][3]   -0.01068031 
_atom_sites.fract_transf_matrix[3][1]   0.02131339 
_atom_sites.fract_transf_matrix[3][2]   0.01643152 
_atom_sites.fract_transf_matrix[3][3]   0.08202708 
_atom_sites.fract_transf_vector[1]      0.366846 
_atom_sites.fract_transf_vector[2]      0.494963 
_atom_sites.fract_transf_vector[3]      0.684923 
_atom_sites.solution_primary            ? 
_atom_sites.solution_secondary          ? 
_atom_sites.solution_hydrogens          ? 
_atom_sites.special_details             ? 
# 
loop_
_atom_type.symbol 
_atom_type.scat_dispersion_real 
_atom_type.scat_dispersion_imag 
_atom_type.scat_Cromer_Mann_a1 
_atom_type.scat_Cromer_Mann_a2 
_atom_type.scat_Cromer_Mann_a3 
_atom_type.scat_Cromer_Mann_a4 
_atom_type.scat_Cromer_Mann_b1 
_atom_type.scat_Cromer_Mann_b2 
_atom_type.scat_Cromer_Mann_b3 
_atom_type.scat_Cromer_Mann_b4 
_atom_type.scat_Cromer_Mann_c 
_atom_type.scat_source 
_atom_type.scat_dispersion_source 
C ? ? 3.54356 2.42580 ? ? 25.62398 1.50364 ? ? 0.0 
;2-Gaussian fit: Grosse-Kunstleve RW, Sauter NK, Adams PD: Newsletter of the IUCr Commission on Crystallographic Computing 2004, 3, 22-31.
;
? 
F ? ? 4.90428 4.07044 ? ? 12.99538 1.63651 ? ? 0.0 
;2-Gaussian fit: Grosse-Kunstleve RW, Sauter NK, Adams PD: Newsletter of the IUCr Commission on Crystallographic Computing 2004, 3, 22-31.
;
? 
H ? ? 0.51345 0.48472 ? ? 24.73122 6.32584 ? ? 0.0 
;2-Gaussian fit: Grosse-Kunstleve RW, Sauter NK, Adams PD: Newsletter of the IUCr Commission on Crystallographic Computing 2004, 3, 22-31.
;
? 
N ? ? 4.01032 2.96436 ? ? 19.97189 1.75589 ? ? 0.0 
;2-Gaussian fit: Grosse-Kunstleve RW, Sauter NK, Adams PD: Newsletter of the IUCr Commission on Crystallographic Computing 2004, 3, 22-31.
;
? 
O ? ? 4.49882 3.47563 ? ? 15.80542 1.70748 ? ? 0.0 
;2-Gaussian fit: Grosse-Kunstleve RW, Sauter NK, Adams PD: Newsletter of the IUCr Commission on Crystallographic Computing 2004, 3, 22-31.
;
? 
# 
loop_
_atom_site.group_PDB 
_atom_site.id 
_atom_site.type_symbol 
_atom_site.label_atom_id 
_atom_site.label_alt_id 
_atom_site.label_comp_id 
_atom_site.label_asym_id 
_atom_site.label_entity_id 
_atom_site.label_seq_id 
_atom_site.pdbx_PDB_ins_code 
_atom_site.Cartn_x 
_atom_site.Cartn_y 
_atom_site.Cartn_z 
_atom_site.occupancy 
_atom_site.B_iso_or_equiv 
_atom_site.pdbx_formal_charge 
_atom_site.auth_seq_id 
_atom_site.auth_comp_id 
_atom_site.auth_asym_id 
_atom_site.auth_atom_id 
_atom_site.pdbx_PDB_model_num 
ATOM   1   N N   . PHE A 1 1 ? -0.703 1.399  4.413  1.00 9.59  ? 1   PHE A N   1 
ATOM   2   C CA  . PHE A 1 1 ? -1.053 2.178  3.221  1.00 7.99  ? 1   PHE A CA  1 
ATOM   3   C C   . PHE A 1 1 ? -1.225 1.239  2.030  1.00 6.57  ? 1   PHE A C   1 
ATOM   4   O O   . PHE A 1 1 ? -0.269 0.487  1.732  1.00 9.17  ? 1   PHE A O   1 
ATOM   5   C CB  . PHE A 1 1 ? 0.058  3.177  2.903  1.00 9.36  ? 1   PHE A CB  1 
ATOM   6   C CG  . PHE A 1 1 ? -0.320 4.220  1.917  1.00 10.05 ? 1   PHE A CG  1 
ATOM   7   C CD1 . PHE A 1 1 ? -0.159 4.008  0.547  1.00 13.72 ? 1   PHE A CD1 1 
ATOM   8   C CD2 . PHE A 1 1 ? -0.838 5.431  2.283  1.00 12.01 ? 1   PHE A CD2 1 
ATOM   9   C CE1 . PHE A 1 1 ? -0.495 4.985  -0.379 1.00 16.68 ? 1   PHE A CE1 1 
ATOM   10  C CE2 . PHE A 1 1 ? -1.215 6.394  1.412  1.00 13.56 ? 1   PHE A CE2 1 
ATOM   11  C CZ  . PHE A 1 1 ? -1.037 6.155  0.077  1.00 15.05 ? 1   PHE A CZ  1 
ATOM   12  H H1  . PHE A 1 1 ? -0.602 1.947  5.107  1.00 15.32 ? 1   PHE A H1  1 
ATOM   13  H H2  . PHE A 1 1 ? -1.352 0.816  4.588  1.00 15.32 ? 1   PHE A H2  1 
ATOM   14  H H3  . PHE A 1 1 ? 0.058  0.961  4.269  1.00 15.32 ? 1   PHE A H3  1 
ATOM   15  H HA  . PHE A 1 1 ? -1.890 2.660  3.380  1.00 10.21 ? 1   PHE A HA  1 
ATOM   16  H HB2 . PHE A 1 1 ? 0.329  3.612  3.726  1.00 11.96 ? 1   PHE A HB2 1 
ATOM   17  H HB3 . PHE A 1 1 ? 0.824  2.691  2.561  1.00 11.96 ? 1   PHE A HB3 1 
ATOM   18  H HD1 . PHE A 1 1 ? 0.178  3.193  0.249  1.00 17.52 ? 1   PHE A HD1 1 
ATOM   19  H HD2 . PHE A 1 1 ? -0.939 5.603  3.191  1.00 15.33 ? 1   PHE A HD2 1 
ATOM   20  H HE1 . PHE A 1 1 ? -0.353 4.847  -1.289 1.00 21.30 ? 1   PHE A HE1 1 
ATOM   21  H HE2 . PHE A 1 1 ? -1.582 7.194  1.712  1.00 17.31 ? 1   PHE A HE2 1 
ATOM   22  H HZ  . PHE A 1 1 ? -1.293 6.806  -0.537 1.00 19.21 ? 1   PHE A HZ  1 
ATOM   23  N N   . TRP A 1 2 ? -2.349 1.263  1.345  1.00 7.42  ? 2   TRP A N   1 
ATOM   24  C CA  A TRP A 1 2 ? -2.568 0.429  0.171  0.50 7.48  ? 2   TRP A CA  1 
ATOM   25  C CA  B TRP A 1 2 ? -2.626 0.458  0.190  0.50 7.60  ? 2   TRP A CA  1 
ATOM   26  C C   . TRP A 1 2 ? -2.801 1.346  -1.021 1.00 7.40  ? 2   TRP A C   1 
ATOM   27  O O   . TRP A 1 2 ? -3.781 2.068  -1.092 1.00 9.91  ? 2   TRP A O   1 
ATOM   28  C CB  A TRP A 1 2 ? -3.703 -0.591 0.356  0.50 8.78  ? 2   TRP A CB  1 
ATOM   29  C CB  B TRP A 1 2 ? -3.892 -0.388 0.429  0.50 9.16  ? 2   TRP A CB  1 
ATOM   30  C CG  A TRP A 1 2 ? -3.312 -1.811 1.111  0.50 8.79  ? 2   TRP A CG  1 
ATOM   31  C CG  B TRP A 1 2 ? -4.102 -1.293 -0.726 0.50 10.45 ? 2   TRP A CG  1 
ATOM   32  C CD1 A TRP A 1 2 ? -2.926 -3.014 0.593  0.50 9.32  ? 2   TRP A CD1 1 
ATOM   33  C CD1 B TRP A 1 2 ? -4.554 -1.107 -2.033 0.50 11.01 ? 2   TRP A CD1 1 
ATOM   34  C CD2 A TRP A 1 2 ? -3.255 -1.962 2.543  0.50 7.54  ? 2   TRP A CD2 1 
ATOM   35  C CD2 B TRP A 1 2 ? -3.846 -2.699 -0.643 0.50 11.80 ? 2   TRP A CD2 1 
ATOM   36  N NE1 A TRP A 1 2 ? -2.644 -3.885 1.609  0.50 9.67  ? 2   TRP A NE1 1 
ATOM   37  N NE1 B TRP A 1 2 ? -4.583 -2.257 -2.746 0.50 11.83 ? 2   TRP A NE1 1 
ATOM   38  C CE2 A TRP A 1 2 ? -2.821 -3.308 2.816  0.50 8.08  ? 2   TRP A CE2 1 
ATOM   39  C CE2 B TRP A 1 2 ? -4.147 -3.246 -1.914 0.50 11.54 ? 2   TRP A CE2 1 
ATOM   40  C CE3 A TRP A 1 2 ? -3.512 -1.135 3.635  0.50 8.06  ? 2   TRP A CE3 1 
ATOM   41  C CE3 B TRP A 1 2 ? -3.369 -3.527 0.384  0.50 14.03 ? 2   TRP A CE3 1 
ATOM   42  C CZ2 A TRP A 1 2 ? -2.676 -3.740 4.119  0.50 9.81  ? 2   TRP A CZ2 1 
ATOM   43  C CZ2 B TRP A 1 2 ? -3.993 -4.616 -2.185 0.50 13.50 ? 2   TRP A CZ2 1 
ATOM   44  C CZ3 A TRP A 1 2 ? -3.374 -1.551 4.938  0.50 9.64  ? 2   TRP A CZ3 1 
ATOM   45  C CZ3 B TRP A 1 2 ? -3.233 -4.867 0.083  0.50 19.42 ? 2   TRP A CZ3 1 
ATOM   46  C CH2 A TRP A 1 2 ? -2.948 -2.868 5.149  0.50 11.50 ? 2   TRP A CH2 1 
ATOM   47  C CH2 B TRP A 1 2 ? -3.535 -5.404 -1.165 0.50 18.15 ? 2   TRP A CH2 1 
ATOM   48  H H   A TRP A 1 2 ? -2.977 1.791  1.600  1.00 9.48  ? 2   TRP A H   1 
ATOM   49  H HA  A TRP A 1 2 ? -1.743 -0.071 0.004  0.50 9.55  ? 2   TRP A HA  1 
ATOM   50  H HA  B TRP A 1 2 ? -1.868 -0.144 0.033  0.50 9.70  ? 2   TRP A HA  1 
ATOM   51  H HB2 A TRP A 1 2 ? -4.437 -0.160 0.821  0.50 11.21 ? 2   TRP A HB2 1 
ATOM   52  H HB2 B TRP A 1 2 ? -3.791 -0.910 1.241  0.50 11.70 ? 2   TRP A HB2 1 
ATOM   53  H HB3 A TRP A 1 2 ? -4.027 -0.858 -0.519 0.50 11.21 ? 2   TRP A HB3 1 
ATOM   54  H HB3 B TRP A 1 2 ? -4.662 0.193  0.535  0.50 11.70 ? 2   TRP A HB3 1 
ATOM   55  H HD1 A TRP A 1 2 ? -2.865 -3.212 -0.314 0.50 11.91 ? 2   TRP A HD1 1 
ATOM   56  H HD1 B TRP A 1 2 ? -4.808 -0.282 -2.378 0.50 14.06 ? 2   TRP A HD1 1 
ATOM   57  H HE1 A TRP A 1 2 ? -2.387 -4.698 1.493  0.50 12.35 ? 2   TRP A HE1 1 
ATOM   58  H HE1 B TRP A 1 2 ? -4.830 -2.347 -3.564 0.50 15.10 ? 2   TRP A HE1 1 
ATOM   59  H HE3 A TRP A 1 2 ? -3.790 -0.262 3.475  0.50 10.30 ? 2   TRP A HE3 1 
ATOM   60  H HE3 B TRP A 1 2 ? -3.156 -3.191 1.225  0.50 17.91 ? 2   TRP A HE3 1 
ATOM   61  H HZ2 A TRP A 1 2 ? -2.397 -4.609 4.298  0.50 12.53 ? 2   TRP A HZ2 1 
ATOM   62  H HZ2 B TRP A 1 2 ? -4.195 -4.972 -3.021 0.50 17.24 ? 2   TRP A HZ2 1 
ATOM   63  H HZ3 A TRP A 1 2 ? -3.555 -0.980 5.651  0.50 12.31 ? 2   TRP A HZ3 1 
ATOM   64  H HZ3 B TRP A 1 2 ? -2.923 -5.439 0.746  0.50 24.79 ? 2   TRP A HZ3 1 
ATOM   65  H HH2 A TRP A 1 2 ? -2.844 -3.167 6.023  0.50 14.68 ? 2   TRP A HH2 1 
ATOM   66  H HH2 B TRP A 1 2 ? -3.423 -6.316 -1.309 0.50 23.17 ? 2   TRP A HH2 1 
ATOM   67  N N   . PHE A 1 3 ? -1.899 1.264  -1.973 1.00 7.41  ? 3   PHE A N   1 
ATOM   68  C CA  . PHE A 1 3 ? -1.992 2.013  -3.205 1.00 8.22  ? 3   PHE A CA  1 
ATOM   69  C C   . PHE A 1 3 ? -2.405 1.118  -4.379 1.00 9.48  ? 3   PHE A C   1 
ATOM   70  O O   . PHE A 1 3 ? -1.645 0.175  -4.648 1.00 10.47 ? 3   PHE A O   1 
ATOM   71  C CB  . PHE A 1 3 ? -0.646 2.683  -3.473 1.00 8.93  ? 3   PHE A CB  1 
ATOM   72  C CG  . PHE A 1 3 ? -0.696 3.548  -4.707 1.00 9.98  ? 3   PHE A CG  1 
ATOM   73  C CD1 . PHE A 1 3 ? -1.509 4.653  -4.701 1.00 15.33 ? 3   PHE A CD1 1 
ATOM   74  C CD2 . PHE A 1 3 ? 0.049  3.285  -5.825 1.00 11.67 ? 3   PHE A CD2 1 
ATOM   75  C CE1 . PHE A 1 3 ? -1.574 5.459  -5.851 1.00 15.01 ? 3   PHE A CE1 1 
ATOM   76  C CE2 . PHE A 1 3 ? -0.049 4.042  -6.943 1.00 13.19 ? 3   PHE A CE2 1 
ATOM   77  C CZ  . PHE A 1 3 ? -0.881 5.148  -6.967 1.00 12.46 ? 3   PHE A CZ  1 
ATOM   78  O OXT . PHE A 1 3 ? -3.455 1.392  -4.961 1.00 12.50 ? 3   PHE A OXT 1 
ATOM   79  H H   . PHE A 1 3 ? -1.225 0.744  -1.857 1.00 9.47  ? 3   PHE A H   1 
ATOM   80  H HA  . PHE A 1 3 ? -2.671 2.711  -3.093 1.00 10.50 ? 3   PHE A HA  1 
ATOM   81  H HB2 . PHE A 1 3 ? -0.401 3.227  -2.709 1.00 11.40 ? 3   PHE A HB2 1 
ATOM   82  H HB3 . PHE A 1 3 ? 0.034  2.001  -3.586 1.00 11.40 ? 3   PHE A HB3 1 
ATOM   83  H HD1 . PHE A 1 3 ? -2.009 4.866  -3.947 1.00 19.58 ? 3   PHE A HD1 1 
ATOM   84  H HD2 . PHE A 1 3 ? 0.639  2.566  -5.816 1.00 14.90 ? 3   PHE A HD2 1 
ATOM   85  H HE1 . PHE A 1 3 ? -2.106 6.223  -5.842 1.00 19.16 ? 3   PHE A HE1 1 
ATOM   86  H HE2 . PHE A 1 3 ? 0.446  3.818  -7.698 1.00 16.85 ? 3   PHE A HE2 1 
ATOM   87  H HZ  . PHE A 1 3 ? -0.962 5.665  -7.736 1.00 15.91 ? 3   PHE A HZ  1 
HETATM 88  N N   . DPN B 2 1 ? 0.674  -1.411 -4.379 1.00 9.62  ? 1   DPN B N   1 
HETATM 89  C CA  . DPN B 2 1 ? 1.042  -2.209 -3.168 1.00 8.47  ? 1   DPN B CA  1 
HETATM 90  C C   . DPN B 2 1 ? 1.209  -1.243 -2.020 1.00 7.72  ? 1   DPN B C   1 
HETATM 91  O O   . DPN B 2 1 ? 0.290  -0.481 -1.743 1.00 10.39 ? 1   DPN B O   1 
HETATM 92  C CB  . DPN B 2 1 ? -0.086 -3.237 -2.846 1.00 10.52 ? 1   DPN B CB  1 
HETATM 93  C CG  . DPN B 2 1 ? 0.354  -4.332 -1.907 1.00 10.54 ? 1   DPN B CG  1 
HETATM 94  C CD1 . DPN B 2 1 ? 0.383  -4.278 -0.557 1.00 12.49 ? 1   DPN B CD1 1 
HETATM 95  C CD2 . DPN B 2 1 ? 0.815  -5.513 -2.407 1.00 15.95 ? 1   DPN B CD2 1 
HETATM 96  C CE1 . DPN B 2 1 ? 0.814  -5.303 0.265  1.00 13.51 ? 1   DPN B CE1 1 
HETATM 97  C CE2 . DPN B 2 1 ? 1.232  -6.558 -1.638 1.00 16.93 ? 1   DPN B CE2 1 
HETATM 98  C CZ  . DPN B 2 1 ? 1.245  -6.446 -0.300 1.00 13.45 ? 1   DPN B CZ  1 
HETATM 99  H H2  . DPN B 2 1 ? -0.087 -0.975 -4.226 1.00 15.37 ? 1   DPN B H2  1 
HETATM 100 H H   . DPN B 2 1 ? 0.569  -1.958 -5.073 1.00 15.37 ? 1   DPN B H   1 
HETATM 101 H H3  . DPN B 2 1 ? 1.321  -0.827 -4.557 1.00 15.37 ? 1   DPN B H3  1 
HETATM 102 H HA  . DPN B 2 1 ? 1.885  -2.682 -3.326 1.00 10.82 ? 1   DPN B HA  1 
HETATM 103 H HB2 . DPN B 2 1 ? -0.837 -2.767 -2.452 1.00 13.43 ? 1   DPN B HB2 1 
HETATM 104 H HB3 . DPN B 2 1 ? -0.391 -3.637 -3.675 1.00 13.43 ? 1   DPN B HB3 1 
HETATM 105 H HD1 . DPN B 2 1 ? 0.092  -3.494 -0.151 1.00 15.94 ? 1   DPN B HD1 1 
HETATM 106 H HD2 . DPN B 2 1 ? 0.848  -5.612 -3.331 1.00 20.36 ? 1   DPN B HD2 1 
HETATM 107 H HE1 . DPN B 2 1 ? 0.806  -5.205 1.190  1.00 17.25 ? 1   DPN B HE1 1 
HETATM 108 H HE2 . DPN B 2 1 ? 1.507  -7.350 -2.041 1.00 21.62 ? 1   DPN B HE2 1 
HETATM 109 H HZ  . DPN B 2 1 ? 1.548  -7.148 0.228  1.00 17.18 ? 1   DPN B HZ  1 
HETATM 110 N N   . DTY B 2 2 ? 2.325  -1.256 -1.337 1.00 7.17  ? 2   DTY B N   1 
HETATM 111 C CA  A DTY B 2 2 ? 2.626  -0.402 -0.212 0.50 7.15  ? 2   DTY B CA  1 
HETATM 112 C CA  B DTY B 2 2 ? 2.584  -0.419 -0.199 0.50 7.21  ? 2   DTY B CA  1 
HETATM 113 C C   . DTY B 2 2 ? 2.808  -1.312 1.012  1.00 7.23  ? 2   DTY B C   1 
HETATM 114 O O   . DTY B 2 2 ? 3.800  -2.035 1.086  1.00 9.63  ? 2   DTY B O   1 
HETATM 115 C CB  A DTY B 2 2 ? 3.818  0.507  -0.467 0.50 7.89  ? 2   DTY B CB  1 
HETATM 116 C CB  B DTY B 2 2 ? 3.767  0.508  -0.431 0.50 9.29  ? 2   DTY B CB  1 
HETATM 117 C CG  A DTY B 2 2 ? 3.741  1.498  -1.631 0.50 7.31  ? 2   DTY B CG  1 
HETATM 118 C CG  B DTY B 2 2 ? 3.963  1.527  0.666  0.50 10.54 ? 2   DTY B CG  1 
HETATM 119 C CD1 A DTY B 2 2 ? 2.908  2.601  -1.576 0.50 8.67  ? 2   DTY B CD1 1 
HETATM 120 C CD1 B DTY B 2 2 ? 4.547  1.211  1.856  0.50 14.02 ? 2   DTY B CD1 1 
HETATM 121 C CD2 A DTY B 2 2 ? 4.481  1.376  -2.796 0.50 10.96 ? 2   DTY B CD2 1 
HETATM 122 C CD2 B DTY B 2 2 ? 3.558  2.848  0.531  0.50 15.89 ? 2   DTY B CD2 1 
HETATM 123 C CE1 A DTY B 2 2 ? 2.779  3.492  -2.619 0.50 8.06  ? 2   DTY B CE1 1 
HETATM 124 C CE1 B DTY B 2 2 ? 4.786  2.084  2.865  0.50 12.95 ? 2   DTY B CE1 1 
HETATM 125 C CE2 A DTY B 2 2 ? 4.406  2.296  -3.824 0.50 12.28 ? 2   DTY B CE2 1 
HETATM 126 C CE2 B DTY B 2 2 ? 3.731  3.784  1.533  0.50 16.70 ? 2   DTY B CE2 1 
HETATM 127 C CZ  A DTY B 2 2 ? 3.588  3.401  -3.704 0.50 8.40  ? 2   DTY B CZ  1 
HETATM 128 C CZ  B DTY B 2 2 ? 4.309  3.360  2.688  0.50 14.45 ? 2   DTY B CZ  1 
HETATM 129 O OH  A DTY B 2 2 ? 3.526  4.250  -4.790 0.50 11.83 ? 2   DTY B OH  1 
HETATM 130 O OH  B DTY B 2 2 ? 4.562  4.193  3.733  0.50 19.07 ? 2   DTY B OH  1 
HETATM 131 H H   . DTY B 2 2 ? 2.928  -1.820 -1.578 1.00 9.16  ? 2   DTY B H   1 
HETATM 132 H HA  A DTY B 2 2 ? 1.845  0.166  -0.049 0.50 9.13  ? 2   DTY B HA  1 
HETATM 133 H HA  B DTY B 2 2 ? 1.789  0.131  -0.034 0.50 9.21  ? 2   DTY B HA  1 
HETATM 134 H HB2 A DTY B 2 2 ? 3.980  1.015  0.342  0.50 10.08 ? 2   DTY B HB2 1 
HETATM 135 H HB2 B DTY B 2 2 ? 4.573  -0.025 -0.510 0.50 11.86 ? 2   DTY B HB2 1 
HETATM 136 H HB3 A DTY B 2 2 ? 4.594  -0.057 -0.611 0.50 10.08 ? 2   DTY B HB3 1 
HETATM 137 H HB3 B DTY B 2 2 ? 3.639  0.975  -1.271 0.50 11.86 ? 2   DTY B HB3 1 
HETATM 138 H HD1 A DTY B 2 2 ? 2.413  2.747  -0.803 0.50 11.07 ? 2   DTY B HD1 1 
HETATM 139 H HD1 B DTY B 2 2 ? 4.802  0.326  1.986  0.50 17.91 ? 2   DTY B HD1 1 
HETATM 140 H HD2 A DTY B 2 2 ? 5.049  0.645  -2.891 0.50 14.00 ? 2   DTY B HD2 1 
HETATM 141 H HD2 B DTY B 2 2 ? 3.156  3.113  -0.264 0.50 20.29 ? 2   DTY B HD2 1 
HETATM 142 H HE1 A DTY B 2 2 ? 2.133  4.160  -2.579 0.50 10.29 ? 2   DTY B HE1 1 
HETATM 143 H HE1 B DTY B 2 2 ? 5.247  1.833  3.633  0.50 16.53 ? 2   DTY B HE1 1 
HETATM 144 H HE2 A DTY B 2 2 ? 4.908  2.171  -4.598 0.50 15.67 ? 2   DTY B HE2 1 
HETATM 145 H HE2 B DTY B 2 2 ? 3.462  4.666  1.421  0.50 21.32 ? 2   DTY B HE2 1 
HETATM 146 H HH  A DTY B 2 2 ? 3.114  3.885  -5.398 0.50 18.89 ? 2   DTY B HH  1 
HETATM 147 H HH  B DTY B 2 2 ? 3.942  4.723  3.817  0.50 30.44 ? 2   DTY B HH  1 
HETATM 148 N N   . DPN B 2 3 ? 1.923  -1.272 1.988  1.00 7.51  ? 3   DPN B N   1 
HETATM 149 C CA  . DPN B 2 3 ? 1.986  -2.048 3.202  1.00 7.33  ? 3   DPN B CA  1 
HETATM 150 C C   . DPN B 2 3 ? 2.338  -1.176 4.405  1.00 7.99  ? 3   DPN B C   1 
HETATM 151 O O   . DPN B 2 3 ? 1.591  -0.186 4.635  1.00 9.05  ? 3   DPN B O   1 
HETATM 152 O OXT . DPN B 2 3 ? 3.310  -1.489 5.163  1.00 11.81 ? 3   DPN B OXT 1 
HETATM 153 C CB  . DPN B 2 3 ? 0.684  -2.784 3.447  1.00 9.06  ? 3   DPN B CB  1 
HETATM 154 C CG  . DPN B 2 3 ? 0.741  -3.692 4.630  1.00 10.20 ? 3   DPN B CG  1 
HETATM 155 C CD1 . DPN B 2 3 ? 0.222  -3.328 5.876  1.00 18.53 ? 3   DPN B CD1 1 
HETATM 156 C CD2 . DPN B 2 3 ? 1.375  -4.899 4.597  1.00 13.53 ? 3   DPN B CD2 1 
HETATM 157 C CE1 . DPN B 2 3 ? 0.369  -4.180 6.972  1.00 22.22 ? 3   DPN B CE1 1 
HETATM 158 C CE2 . DPN B 2 3 ? 1.435  -5.726 5.671  1.00 16.35 ? 3   DPN B CE2 1 
HETATM 159 C CZ  . DPN B 2 3 ? 0.932  -5.426 6.879  1.00 17.70 ? 3   DPN B CZ  1 
HETATM 160 H H   . DPN B 2 3 ? 1.253  -0.740 1.893  1.00 9.59  ? 3   DPN B H   1 
HETATM 161 H HA  . DPN B 2 3 ? 2.695  -2.715 3.097  1.00 9.36  ? 3   DPN B HA  1 
HETATM 162 H HB2 . DPN B 2 3 ? -0.025 -2.136 3.579  1.00 11.56 ? 3   DPN B HB2 1 
HETATM 163 H HB3 . DPN B 2 3 ? 0.464  -3.307 2.659  1.00 11.56 ? 3   DPN B HB3 1 
HETATM 164 H HD1 . DPN B 2 3 ? -0.223 -2.517 5.974  1.00 23.66 ? 3   DPN B HD1 1 
HETATM 165 H HD2 . DPN B 2 3 ? 1.782  -5.167 3.805  1.00 17.28 ? 3   DPN B HD2 1 
HETATM 166 H HE1 . DPN B 2 3 ? 0.072  -3.888 7.803  1.00 28.36 ? 3   DPN B HE1 1 
HETATM 167 H HE2 . DPN B 2 3 ? 1.851  -6.552 5.564  1.00 20.87 ? 3   DPN B HE2 1 
HETATM 168 H HZ  . DPN B 2 3 ? 0.964  -6.018 7.596  1.00 22.60 ? 3   DPN B HZ  1 
HETATM 169 F F7  C CFH C 3 . ? -1.415 -0.389 6.888  0.50 11.98 ? 101 CFH A F7  1 
HETATM 170 C C1  C CFH C 3 . ? -2.670 -0.238 7.329  0.50 10.47 ? 101 CFH A C1  1 
HETATM 171 F F5  C CFH C 3 . ? -3.001 -1.337 7.970  0.50 14.90 ? 101 CFH A F5  1 
HETATM 172 F F6  C CFH C 3 . ? -2.712 0.787  8.183  0.50 13.18 ? 101 CFH A F6  1 
HETATM 173 C C2  C CFH C 3 . ? -3.617 0.044  6.167  0.50 9.52  ? 101 CFH A C2  1 
HETATM 174 O O4  C CFH C 3 . ? -3.293 1.316  5.623  0.50 9.67  ? 101 CFH A O4  1 
HETATM 175 C C3  C CFH C 3 . ? -3.623 -1.077 5.124  0.50 11.54 ? 101 CFH A C3  1 
HETATM 176 F F10 C CFH C 3 . ? -4.538 -0.863 4.203  0.50 10.85 ? 101 CFH A F10 1 
HETATM 177 F F8  C CFH C 3 . ? -3.829 -2.236 5.718  0.50 14.50 ? 101 CFH A F8  1 
HETATM 178 F F9  C CFH C 3 . ? -2.481 -1.150 4.450  0.50 10.79 ? 101 CFH A F9  1 
HETATM 179 H HO4 C CFH C 3 . ? -3.499 1.907  6.156  0.50 15.44 ? 101 CFH A HO4 1 
HETATM 180 F F7  D CFH D 3 . ? 4.178  1.236  -4.685 0.50 19.59 ? 101 CFH B F7  1 
HETATM 181 C C1  D CFH D 3 . ? 3.275  1.087  -5.657 0.50 15.10 ? 101 CFH B C1  1 
HETATM 182 F F5  D CFH D 3 . ? 2.207  1.019  -4.886 0.50 17.30 ? 101 CFH B F5  1 
HETATM 183 F F6  D CFH D 3 . ? 3.319  2.146  -6.469 0.50 31.16 ? 101 CFH B F6  1 
HETATM 184 C C2  D CFH D 3 . ? 3.504  -0.228 -6.408 0.50 11.58 ? 101 CFH B C2  1 
HETATM 185 O O4  D CFH D 3 . ? 3.289  -1.237 -5.445 0.50 10.17 ? 101 CFH B O4  1 
HETATM 186 C C3  D CFH D 3 . ? 2.536  -0.277 -7.608 0.50 15.03 ? 101 CFH B C3  1 
HETATM 187 F F10 D CFH D 3 . ? 2.761  0.507  -8.641 0.50 24.40 ? 101 CFH B F10 1 
HETATM 188 F F8  D CFH D 3 . ? 1.294  -0.011 -7.187 0.50 18.35 ? 101 CFH B F8  1 
HETATM 189 F F9  D CFH D 3 . ? 2.627  -1.516 -8.111 0.50 17.05 ? 101 CFH B F9  1 
HETATM 190 H HO4 D CFH D 3 . ? 3.470  -1.968 -5.769 0.50 16.25 ? 101 CFH B HO4 1 
HETATM 191 O O   A HOH E 4 . ? -3.119 1.547  5.840  0.50 14.81 ? 201 HOH A O   1 
# 
loop_
_atom_site_anisotrop.id 
_atom_site_anisotrop.type_symbol 
_atom_site_anisotrop.pdbx_label_atom_id 
_atom_site_anisotrop.pdbx_label_alt_id 
_atom_site_anisotrop.pdbx_label_comp_id 
_atom_site_anisotrop.pdbx_label_asym_id 
_atom_site_anisotrop.pdbx_label_seq_id 
_atom_site_anisotrop.pdbx_PDB_ins_code 
_atom_site_anisotrop.U[1][1] 
_atom_site_anisotrop.U[2][2] 
_atom_site_anisotrop.U[3][3] 
_atom_site_anisotrop.U[1][2] 
_atom_site_anisotrop.U[1][3] 
_atom_site_anisotrop.U[2][3] 
_atom_site_anisotrop.pdbx_auth_seq_id 
_atom_site_anisotrop.pdbx_auth_comp_id 
_atom_site_anisotrop.pdbx_auth_asym_id 
_atom_site_anisotrop.pdbx_auth_atom_id 
1   N N   . PHE A 1 ? 0.1211 0.1421 0.1012 0.0097  -0.0220 0.0042  1   PHE A N   
2   C CA  . PHE A 1 ? 0.0908 0.1182 0.0946 0.0062  -0.0072 -0.0064 1   PHE A CA  
3   C C   . PHE A 1 ? 0.0728 0.0984 0.0783 0.0022  -0.0033 0.0148  1   PHE A C   
4   O O   . PHE A 1 ? 0.0869 0.1452 0.1163 0.0400  -0.0159 -0.0117 1   PHE A O   
5   C CB  . PHE A 1 ? 0.0894 0.1328 0.1337 -0.0065 -0.0168 -0.0040 1   PHE A CB  
6   C CG  . PHE A 1 ? 0.1193 0.1179 0.1448 -0.0072 -0.0152 0.0000  1   PHE A CG  
7   C CD1 . PHE A 1 ? 0.2505 0.1275 0.1434 -0.0383 -0.0171 0.0073  1   PHE A CD1 
8   C CD2 . PHE A 1 ? 0.1408 0.1105 0.2049 -0.0108 -0.0099 0.0038  1   PHE A CD2 
9   C CE1 . PHE A 1 ? 0.3306 0.1411 0.1621 -0.0804 -0.0289 0.0328  1   PHE A CE1 
10  C CE2 . PHE A 1 ? 0.1415 0.1234 0.2502 -0.0177 -0.0276 0.0319  1   PHE A CE2 
11  C CZ  . PHE A 1 ? 0.1877 0.1517 0.2324 -0.0609 -0.0759 0.0423  1   PHE A CZ  
23  N N   . TRP A 2 ? 0.0690 0.1258 0.0871 0.0188  -0.0097 0.0093  2   TRP A N   
24  C CA  A TRP A 2 ? 0.0751 0.1164 0.0926 0.0230  -0.0145 0.0092  2   TRP A CA  
25  C CA  B TRP A 2 ? 0.0704 0.1301 0.0882 0.0281  -0.0171 0.0068  2   TRP A CA  
26  C C   . TRP A 2 ? 0.0767 0.1237 0.0808 0.0286  -0.0136 -0.0041 2   TRP A C   
27  O O   . TRP A 2 ? 0.1102 0.1652 0.1014 0.0664  -0.0044 0.0224  2   TRP A O   
28  C CB  A TRP A 2 ? 0.0899 0.1342 0.1095 0.0083  -0.0265 0.0107  2   TRP A CB  
29  C CB  B TRP A 2 ? 0.1075 0.1181 0.1226 0.0058  -0.0194 0.0060  2   TRP A CB  
30  C CG  A TRP A 2 ? 0.1075 0.1107 0.1158 -0.0042 -0.0124 -0.0013 2   TRP A CG  
31  C CG  B TRP A 2 ? 0.1543 0.1106 0.1321 -0.0073 -0.0146 0.0012  2   TRP A CG  
32  C CD1 A TRP A 2 ? 0.1427 0.0814 0.1302 -0.0520 -0.0163 -0.0070 2   TRP A CD1 
33  C CD1 B TRP A 2 ? 0.1576 0.1327 0.1281 0.0031  -0.0184 -0.0039 2   TRP A CD1 
34  C CD2 A TRP A 2 ? 0.0778 0.0929 0.1158 -0.0322 -0.0327 0.0094  2   TRP A CD2 
35  C CD2 B TRP A 2 ? 0.2240 0.0958 0.1285 -0.0403 0.0175  0.0206  2   TRP A CD2 
36  N NE1 A TRP A 2 ? 0.1305 0.0976 0.1392 -0.0282 -0.0084 0.0062  2   TRP A NE1 
37  N NE1 B TRP A 2 ? 0.1931 0.1343 0.1220 -0.0258 0.0169  -0.0068 2   TRP A NE1 
38  C CE2 A TRP A 2 ? 0.0876 0.0888 0.1307 -0.0330 -0.0219 0.0057  2   TRP A CE2 
39  C CE2 B TRP A 2 ? 0.1547 0.1177 0.1661 -0.0313 -0.0066 -0.0126 2   TRP A CE2 
40  C CE3 A TRP A 2 ? 0.0945 0.1014 0.1103 -0.0190 -0.0269 0.0117  2   TRP A CE3 
41  C CE3 B TRP A 2 ? 0.2458 0.1294 0.1578 0.0265  0.0079  0.0200  2   TRP A CE3 
42  C CZ2 A TRP A 2 ? 0.1299 0.0996 0.1433 -0.0465 -0.0344 0.0305  2   TRP A CZ2 
43  C CZ2 B TRP A 2 ? 0.2281 0.1143 0.1707 -0.0459 -0.0103 -0.0119 2   TRP A CZ2 
44  C CZ3 A TRP A 2 ? 0.1598 0.0974 0.1092 -0.0669 -0.0073 0.0208  2   TRP A CZ3 
45  C CZ3 B TRP A 2 ? 0.4389 0.1264 0.1724 0.0362  -0.0250 0.0229  2   TRP A CZ3 
46  C CH2 A TRP A 2 ? 0.2250 0.1048 0.1070 -0.0700 -0.0695 0.0304  2   TRP A CH2 
47  C CH2 B TRP A 2 ? 0.3623 0.1192 0.2082 -0.0325 -0.0308 0.0142  2   TRP A CH2 
67  N N   . PHE A 3 ? 0.0871 0.0995 0.0949 0.0143  -0.0073 0.0040  3   PHE A N   
68  C CA  . PHE A 3 ? 0.1000 0.1202 0.0922 0.0134  -0.0139 0.0142  3   PHE A CA  
69  C C   . PHE A 3 ? 0.1350 0.1085 0.1168 0.0000  -0.0450 0.0157  3   PHE A C   
70  O O   . PHE A 3 ? 0.1692 0.1155 0.1133 0.0099  -0.0416 -0.0023 3   PHE A O   
71  C CB  . PHE A 3 ? 0.1218 0.1154 0.1020 -0.0062 -0.0157 0.0008  3   PHE A CB  
72  C CG  . PHE A 3 ? 0.1170 0.1335 0.1286 -0.0246 -0.0141 0.0266  3   PHE A CG  
73  C CD1 . PHE A 3 ? 0.2152 0.1651 0.2022 0.0307  0.0572  0.0870  3   PHE A CD1 
74  C CD2 . PHE A 3 ? 0.1707 0.1425 0.1302 -0.0284 0.0073  0.0197  3   PHE A CD2 
75  C CE1 . PHE A 3 ? 0.1744 0.2030 0.1929 0.0215  0.0230  0.0936  3   PHE A CE1 
76  C CE2 . PHE A 3 ? 0.1993 0.1533 0.1487 -0.0355 0.0233  0.0356  3   PHE A CE2 
77  C CZ  . PHE A 3 ? 0.1647 0.1667 0.1420 -0.0432 -0.0309 0.0417  3   PHE A CZ  
78  O OXT . PHE A 3 ? 0.1572 0.1450 0.1728 -0.0024 -0.0807 0.0011  3   PHE A OXT 
88  N N   . DPN B 1 ? 0.1262 0.1508 0.0886 0.0057  -0.0132 0.0048  1   DPN B N   
89  C CA  . DPN B 1 ? 0.0907 0.1304 0.1008 0.0110  -0.0320 0.0054  1   DPN B CA  
90  C C   . DPN B 1 ? 0.0762 0.1206 0.0967 0.0084  -0.0147 0.0044  1   DPN B C   
91  O O   . DPN B 1 ? 0.0805 0.1710 0.1432 0.0379  -0.0385 -0.0263 1   DPN B O   
92  C CB  . DPN B 1 ? 0.1291 0.1519 0.1186 -0.0258 -0.0369 0.0033  1   DPN B CB  
93  C CG  . DPN B 1 ? 0.1360 0.1568 0.1075 -0.0332 -0.0091 0.0167  1   DPN B CG  
94  C CD1 . DPN B 1 ? 0.2116 0.1373 0.1255 -0.0226 -0.0053 0.0294  1   DPN B CD1 
95  C CD2 . DPN B 1 ? 0.2489 0.2102 0.1469 0.0653  0.0593  0.0414  1   DPN B CD2 
96  C CE1 . DPN B 1 ? 0.2259 0.1479 0.1396 -0.0016 -0.0075 0.0370  1   DPN B CE1 
97  C CE2 . DPN B 1 ? 0.2930 0.1771 0.1732 0.0256  0.0143  0.0248  1   DPN B CE2 
98  C CZ  . DPN B 1 ? 0.1854 0.1506 0.1751 -0.0100 -0.0522 0.0063  1   DPN B CZ  
110 N N   . DTY B 2 ? 0.0721 0.1133 0.0870 0.0230  -0.0135 -0.0042 2   DTY B N   
111 C CA  A DTY B 2 ? 0.0781 0.0984 0.0950 0.0215  -0.0084 0.0003  2   DTY B CA  
112 C CA  B DTY B 2 ? 0.0782 0.0984 0.0972 0.0209  -0.0131 -0.0026 2   DTY B CA  
113 C C   . DTY B 2 ? 0.0725 0.1137 0.0885 0.0157  -0.0094 -0.0035 2   DTY B C   
114 O O   . DTY B 2 ? 0.1096 0.1616 0.0946 0.0621  0.0094  0.0228  2   DTY B O   
115 C CB  A DTY B 2 ? 0.0854 0.1091 0.1052 0.0145  -0.0028 -0.0004 2   DTY B CB  
116 C CB  B DTY B 2 ? 0.0989 0.1326 0.1214 -0.0060 -0.0068 0.0050  2   DTY B CB  
117 C CG  A DTY B 2 ? 0.0630 0.1001 0.1146 -0.0025 -0.0127 0.0025  2   DTY B CG  
118 C CG  B DTY B 2 ? 0.1073 0.1506 0.1424 -0.0286 -0.0285 -0.0099 2   DTY B CG  
119 C CD1 A DTY B 2 ? 0.0919 0.1008 0.1368 -0.0029 0.0387  0.0340  2   DTY B CD1 
120 C CD1 B DTY B 2 ? 0.1941 0.2189 0.1198 0.0057  -0.0170 -0.0121 2   DTY B CD1 
121 C CD2 A DTY B 2 ? 0.1055 0.1722 0.1387 0.0654  0.0215  0.0602  2   DTY B CD2 
122 C CD2 B DTY B 2 ? 0.1963 0.1498 0.2577 0.0003  -0.0877 -0.0413 2   DTY B CD2 
123 C CE1 A DTY B 2 ? 0.0722 0.1024 0.1315 -0.0077 -0.0028 0.0258  2   DTY B CE1 
124 C CE1 B DTY B 2 ? 0.1608 0.2522 0.0789 -0.0261 0.0271  -0.0127 2   DTY B CE1 
125 C CE2 A DTY B 2 ? 0.2020 0.1295 0.1350 0.0522  0.0297  0.0363  2   DTY B CE2 
126 C CE2 B DTY B 2 ? 0.1743 0.1736 0.2867 0.0077  -0.0736 -0.0651 2   DTY B CE2 
127 C CZ  A DTY B 2 ? 0.1126 0.0928 0.1138 -0.0065 0.0000  0.0236  2   DTY B CZ  
128 C CZ  B DTY B 2 ? 0.1816 0.2088 0.1587 -0.0721 0.0462  -0.0285 2   DTY B CZ  
129 O OH  A DTY B 2 ? 0.1881 0.1166 0.1449 0.0343  0.0357  0.0451  2   DTY B OH  
130 O OH  B DTY B 2 ? 0.1385 0.3150 0.2712 -0.0614 0.0196  -0.1402 2   DTY B OH  
148 N N   . DPN B 3 ? 0.0765 0.0973 0.1116 0.0121  -0.0018 0.0073  3   DPN B N   
149 C CA  . DPN B 3 ? 0.0785 0.0897 0.1103 0.0059  -0.0115 0.0102  3   DPN B CA  
150 C C   . DPN B 3 ? 0.0859 0.1006 0.1172 -0.0086 0.0001  0.0027  3   DPN B C   
151 O O   . DPN B 3 ? 0.1433 0.1054 0.0950 0.0193  -0.0213 0.0021  3   DPN B O   
152 O OXT . DPN B 3 ? 0.1404 0.1361 0.1724 0.0091  -0.0631 -0.0085 3   DPN B OXT 
153 C CB  . DPN B 3 ? 0.0889 0.1112 0.1441 -0.0129 -0.0145 0.0113  3   DPN B CB  
154 C CG  . DPN B 3 ? 0.1032 0.1300 0.1544 -0.0026 0.0196  0.0280  3   DPN B CG  
155 C CD1 . DPN B 3 ? 0.2894 0.2184 0.1964 0.1178  0.1100  0.0704  3   DPN B CD1 
156 C CD2 . DPN B 3 ? 0.2286 0.1261 0.1595 0.0347  0.0209  0.0090  3   DPN B CD2 
157 C CE1 . DPN B 3 ? 0.3448 0.2732 0.2262 0.1266  0.1315  0.1056  3   DPN B CE1 
158 C CE2 . DPN B 3 ? 0.3122 0.1184 0.1905 0.0045  0.0015  0.0253  3   DPN B CE2 
159 C CZ  . DPN B 3 ? 0.2254 0.2090 0.2382 0.0340  0.0970  0.1087  3   DPN B CZ  
169 F F7  C CFH C . ? 0.1056 0.1949 0.1545 0.0222  -0.0268 0.0245  101 CFH A F7  
170 C C1  C CFH C . ? 0.1359 0.1628 0.0992 -0.0163 0.0040  0.0699  101 CFH A C1  
171 F F5  C CFH C . ? 0.1928 0.2345 0.1388 0.0133  -0.0272 0.0893  101 CFH A F5  
172 F F6  C CFH C . ? 0.1458 0.2145 0.1404 -0.0444 -0.0179 -0.0450 101 CFH A F6  
173 C C2  C CFH C . ? 0.1261 0.1422 0.0934 0.0330  0.0184  0.0467  101 CFH A C2  
174 O O4  C CFH C . ? 0.1034 0.1617 0.1024 0.0048  -0.0068 0.0705  101 CFH A O4  
175 C C3  C CFH C . ? 0.1357 0.1725 0.1302 0.0248  -0.0039 0.0180  101 CFH A C3  
176 F F10 C CFH C . ? 0.1301 0.1604 0.1219 0.0283  -0.0290 0.0035  101 CFH A F10 
177 F F8  C CFH C . ? 0.2001 0.1055 0.2455 0.0056  0.0529  0.0613  101 CFH A F8  
178 F F9  C CFH C . ? 0.1620 0.1069 0.1409 -0.0080 -0.0028 -0.0024 101 CFH A F9  
180 F F7  D CFH D . ? 0.1973 0.1812 0.3656 -0.0324 0.0097  -0.0587 101 CFH B F7  
181 C C1  D CFH D . ? 0.1182 0.1443 0.3113 -0.0043 0.0437  -0.0358 101 CFH B C1  
182 F F5  D CFH D . ? 0.1555 0.1371 0.3648 -0.0359 0.0439  -0.0161 101 CFH B F5  
183 F F6  D CFH D . ? 0.1976 0.2040 0.7825 0.0013  0.0146  0.0584  101 CFH B F6  
184 C C2  D CFH D . ? 0.1535 0.1414 0.1449 0.0336  -0.0185 0.0177  101 CFH B C2  
185 O O4  D CFH D . ? 0.0565 0.1639 0.1661 0.0174  0.0218  0.0346  101 CFH B O4  
186 C C3  D CFH D . ? 0.1524 0.1879 0.2308 0.0271  -0.0693 0.0525  101 CFH B C3  
187 F F10 D CFH D . ? 0.3541 0.2682 0.3048 -0.0495 0.0061  0.0720  101 CFH B F10 
188 F F8  D CFH D . ? 0.1383 0.3362 0.2228 0.0774  -0.0200 0.0697  101 CFH B F8  
189 F F9  D CFH D . ? 0.1150 0.2820 0.2506 0.0051  0.0229  0.0815  101 CFH B F9  
191 O O   A HOH E . ? 0.1113 0.2024 0.2489 0.0228  0.0457  0.0131  201 HOH A O   
# 
